data_3U58
#
_entry.id   3U58
#
_cell.length_a   83.046
_cell.length_b   83.110
_cell.length_c   82.885
_cell.angle_alpha   108.45
_cell.angle_beta   111.59
_cell.angle_gamma   108.42
#
_symmetry.space_group_name_H-M   'P 1'
#
loop_
_entity.id
_entity.type
_entity.pdbx_description
1 polymer 'Tetrahymena Teb1 AB'
2 polymer "DNA (5'-D(*GP*GP*GP*T)-3')"
3 water water
#
loop_
_entity_poly.entity_id
_entity_poly.type
_entity_poly.pdbx_seq_one_letter_code
_entity_poly.pdbx_strand_id
1 'polypeptide(L)'
;GSLSDQLSKQTLLISQLQVGKNRFSFKFEGRVVYKSSTFQNQQDSKYFFITAQDANNQEINLSFWQKVDQSYQTLKVGQY
YYFIGGEVKQFKNNLELKFKFGDYQIIPKETLGGSGGSTLLISEVLKTSKQYLSVLAQVVDIQSSDKNIRLKICDNSCNQ
ELKVVIFPDLCYEWRDKFSINKWYYFNEFVRQIYNDEVQLKNNIHSSIKESDD
;
A,B,C,D
2 'polydeoxyribonucleotide' (DG)(DG)(DG)(DT) E,H,F,G
#
loop_
_chem_comp.id
_chem_comp.type
_chem_comp.name
_chem_comp.formula
DG DNA linking 2'-DEOXYGUANOSINE-5'-MONOPHOSPHATE 'C10 H14 N5 O7 P'
DT DNA linking THYMIDINE-5'-MONOPHOSPHATE 'C10 H15 N2 O8 P'
#
# COMPACT_ATOMS: atom_id res chain seq x y z
N GLY A 1 24.08 -4.98 -7.04
CA GLY A 1 24.63 -5.67 -5.88
C GLY A 1 25.40 -6.94 -6.23
N SER A 2 25.47 -7.26 -7.51
CA SER A 2 26.19 -8.44 -8.00
C SER A 2 27.64 -8.46 -7.52
N LEU A 3 28.22 -9.66 -7.38
CA LEU A 3 29.62 -9.78 -7.05
C LEU A 3 30.50 -8.94 -7.98
N SER A 4 30.32 -9.10 -9.28
CA SER A 4 31.09 -8.35 -10.27
C SER A 4 30.91 -6.83 -10.13
N ASP A 5 29.75 -6.43 -9.63
CA ASP A 5 29.50 -5.01 -9.37
C ASP A 5 30.32 -4.55 -8.18
N GLN A 6 30.40 -5.40 -7.16
CA GLN A 6 31.14 -5.06 -5.96
C GLN A 6 32.64 -5.03 -6.21
N LEU A 7 33.14 -5.94 -7.04
CA LEU A 7 34.56 -5.93 -7.40
C LEU A 7 34.89 -4.76 -8.33
N SER A 8 33.85 -4.14 -8.88
CA SER A 8 34.02 -2.95 -9.72
C SER A 8 34.62 -1.83 -8.90
N LYS A 9 34.12 -1.70 -7.68
CA LYS A 9 34.48 -0.62 -6.76
C LYS A 9 36.00 -0.44 -6.60
N GLN A 10 36.42 0.81 -6.50
CA GLN A 10 37.83 1.12 -6.33
C GLN A 10 38.42 0.51 -5.05
N THR A 11 39.56 -0.15 -5.20
CA THR A 11 40.31 -0.66 -4.05
C THR A 11 41.09 0.48 -3.40
N LEU A 12 41.09 0.51 -2.07
CA LEU A 12 41.74 1.60 -1.35
C LEU A 12 42.74 1.05 -0.34
N LEU A 13 43.82 1.79 -0.14
CA LEU A 13 44.79 1.44 0.90
C LEU A 13 44.39 2.16 2.18
N ILE A 14 44.94 1.72 3.30
CA ILE A 14 44.68 2.36 4.58
C ILE A 14 44.89 3.87 4.52
N SER A 15 45.92 4.30 3.82
CA SER A 15 46.25 5.71 3.74
C SER A 15 45.24 6.51 2.89
N GLN A 16 44.36 5.81 2.20
CA GLN A 16 43.38 6.46 1.33
C GLN A 16 41.96 6.48 1.93
N LEU A 17 41.74 5.69 2.95
CA LEU A 17 40.42 5.62 3.57
C LEU A 17 40.01 6.99 4.11
N GLN A 18 38.78 7.38 3.84
CA GLN A 18 38.22 8.58 4.46
C GLN A 18 36.89 8.29 5.13
N VAL A 19 36.64 8.97 6.24
CA VAL A 19 35.43 8.74 7.00
C VAL A 19 34.18 9.12 6.19
N GLY A 20 34.34 10.05 5.25
CA GLY A 20 33.22 10.62 4.53
C GLY A 20 32.80 9.83 3.31
N LYS A 21 33.49 8.71 3.06
CA LYS A 21 33.16 7.84 1.95
C LYS A 21 32.04 6.89 2.34
N ASN A 22 31.14 6.60 1.42
CA ASN A 22 30.09 5.63 1.69
C ASN A 22 30.65 4.22 1.89
N ARG A 23 30.10 3.49 2.84
CA ARG A 23 30.58 2.14 3.13
C ARG A 23 30.66 1.23 1.91
N PHE A 24 29.86 1.48 0.88
CA PHE A 24 29.90 0.63 -0.32
C PHE A 24 30.51 1.29 -1.54
N SER A 25 31.28 2.36 -1.33
CA SER A 25 31.86 3.12 -2.44
C SER A 25 33.29 2.66 -2.77
N PHE A 26 33.80 1.74 -1.97
CA PHE A 26 35.14 1.22 -2.19
C PHE A 26 35.20 -0.23 -1.77
N LYS A 27 36.38 -0.81 -1.90
CA LYS A 27 36.65 -2.13 -1.35
C LYS A 27 38.07 -2.12 -0.84
N PHE A 28 38.32 -2.89 0.20
CA PHE A 28 39.61 -2.85 0.85
C PHE A 28 40.27 -4.21 0.79
N GLU A 29 41.48 -4.26 0.26
CA GLU A 29 42.26 -5.50 0.26
C GLU A 29 43.11 -5.63 1.54
N GLY A 30 43.02 -6.77 2.19
CA GLY A 30 43.71 -6.95 3.45
C GLY A 30 44.25 -8.35 3.66
N ARG A 31 45.39 -8.41 4.32
CA ARG A 31 45.97 -9.68 4.71
C ARG A 31 45.77 -9.82 6.22
N VAL A 32 45.14 -10.91 6.62
CA VAL A 32 44.91 -11.12 8.04
C VAL A 32 46.21 -11.50 8.74
N VAL A 33 46.72 -10.60 9.60
CA VAL A 33 47.91 -10.88 10.41
C VAL A 33 47.57 -11.25 11.86
N TYR A 34 46.36 -10.90 12.31
CA TYR A 34 45.91 -11.28 13.65
C TYR A 34 44.40 -11.42 13.75
N LYS A 35 43.94 -12.47 14.42
CA LYS A 35 42.50 -12.66 14.65
C LYS A 35 42.20 -12.94 16.12
N SER A 36 41.38 -12.09 16.74
CA SER A 36 41.05 -12.20 18.17
C SER A 36 40.16 -13.40 18.45
N SER A 37 39.78 -13.56 19.71
CA SER A 37 38.73 -14.51 20.05
C SER A 37 37.40 -13.85 19.72
N THR A 38 36.34 -14.63 19.68
CA THR A 38 34.99 -14.07 19.70
C THR A 38 34.69 -13.69 21.16
N PHE A 39 34.22 -12.47 21.38
CA PHE A 39 33.83 -12.04 22.72
C PHE A 39 32.31 -12.11 22.89
N GLN A 40 31.85 -12.53 24.06
CA GLN A 40 30.41 -12.63 24.28
C GLN A 40 29.99 -12.39 25.74
N ASN A 41 29.25 -11.30 25.95
CA ASN A 41 28.74 -10.91 27.26
C ASN A 41 27.25 -11.12 27.40
N GLN A 42 26.54 -10.97 26.29
CA GLN A 42 25.09 -10.90 26.30
C GLN A 42 24.48 -12.05 25.53
N GLN A 43 23.23 -12.36 25.83
CA GLN A 43 22.54 -13.50 25.24
C GLN A 43 22.75 -13.62 23.74
N ASP A 44 22.96 -12.49 23.06
CA ASP A 44 23.43 -12.53 21.68
C ASP A 44 23.95 -11.20 21.13
N SER A 45 25.19 -10.89 21.49
CA SER A 45 25.92 -9.81 20.85
C SER A 45 27.43 -10.12 20.87
N LYS A 46 27.81 -11.20 20.19
CA LYS A 46 29.22 -11.52 20.04
C LYS A 46 29.94 -10.60 19.05
N TYR A 47 31.20 -10.33 19.31
CA TYR A 47 32.03 -9.58 18.38
C TYR A 47 33.43 -10.19 18.29
N PHE A 48 34.19 -9.76 17.29
CA PHE A 48 35.60 -10.08 17.23
C PHE A 48 36.29 -9.07 16.35
N PHE A 49 37.61 -9.11 16.29
CA PHE A 49 38.29 -8.23 15.37
C PHE A 49 39.55 -8.86 14.79
N ILE A 50 39.97 -8.39 13.62
CA ILE A 50 41.21 -8.84 13.03
C ILE A 50 42.11 -7.65 12.79
N THR A 51 43.39 -7.92 12.60
CA THR A 51 44.31 -6.89 12.15
C THR A 51 44.68 -7.20 10.70
N ALA A 52 44.43 -6.26 9.81
CA ALA A 52 44.67 -6.50 8.41
C ALA A 52 45.83 -5.64 7.95
N GLN A 53 46.66 -6.21 7.08
CA GLN A 53 47.81 -5.51 6.55
C GLN A 53 47.53 -5.15 5.10
N ASP A 54 47.94 -3.96 4.69
CA ASP A 54 47.78 -3.58 3.28
C ASP A 54 49.13 -3.54 2.54
N ALA A 55 49.11 -3.02 1.32
CA ALA A 55 50.28 -3.03 0.45
C ALA A 55 51.39 -2.05 0.86
N ASN A 56 51.17 -1.26 1.91
CA ASN A 56 52.23 -0.39 2.43
C ASN A 56 52.78 -0.98 3.72
N ASN A 57 52.41 -2.22 3.98
CA ASN A 57 52.69 -2.86 5.25
C ASN A 57 52.05 -2.14 6.44
N GLN A 58 51.17 -1.18 6.16
CA GLN A 58 50.36 -0.58 7.22
C GLN A 58 49.34 -1.59 7.73
N GLU A 59 48.86 -1.37 8.95
CA GLU A 59 47.90 -2.28 9.56
C GLU A 59 46.69 -1.53 10.08
N ILE A 60 45.52 -2.15 9.96
CA ILE A 60 44.29 -1.50 10.39
C ILE A 60 43.44 -2.52 11.10
N ASN A 61 42.64 -2.05 12.04
CA ASN A 61 41.77 -2.88 12.84
C ASN A 61 40.40 -2.99 12.15
N LEU A 62 39.93 -4.23 11.97
CA LEU A 62 38.58 -4.48 11.46
C LEU A 62 37.75 -5.17 12.53
N SER A 63 36.59 -4.60 12.86
CA SER A 63 35.70 -5.19 13.86
C SER A 63 34.43 -5.74 13.25
N PHE A 64 33.94 -6.86 13.77
CA PHE A 64 32.74 -7.47 13.21
C PHE A 64 31.70 -7.59 14.30
N TRP A 65 30.51 -7.05 14.04
CA TRP A 65 29.48 -6.96 15.08
C TRP A 65 28.22 -7.66 14.66
N GLN A 66 28.20 -8.15 13.43
CA GLN A 66 27.05 -8.88 12.94
C GLN A 66 27.56 -9.97 12.01
N LYS A 67 26.75 -10.98 11.76
CA LYS A 67 27.20 -12.14 10.99
C LYS A 67 28.52 -12.68 11.54
N VAL A 68 28.71 -12.59 12.85
CA VAL A 68 29.99 -12.91 13.47
C VAL A 68 30.42 -14.37 13.25
N ASP A 69 29.50 -15.30 13.44
CA ASP A 69 29.91 -16.69 13.34
C ASP A 69 30.42 -17.05 11.94
N GLN A 70 29.65 -16.71 10.91
CA GLN A 70 30.09 -17.02 9.55
C GLN A 70 31.45 -16.41 9.23
N SER A 71 31.62 -15.13 9.54
CA SER A 71 32.83 -14.39 9.23
C SER A 71 34.03 -14.91 10.00
N TYR A 72 33.81 -15.32 11.23
CA TYR A 72 34.91 -15.86 12.01
C TYR A 72 35.48 -17.12 11.36
N GLN A 73 34.59 -17.92 10.76
CA GLN A 73 35.01 -19.16 10.13
C GLN A 73 35.69 -18.91 8.79
N THR A 74 35.30 -17.84 8.12
CA THR A 74 35.86 -17.50 6.82
C THR A 74 37.29 -16.96 6.92
N LEU A 75 37.53 -16.13 7.94
CA LEU A 75 38.78 -15.39 8.07
C LEU A 75 39.88 -16.20 8.75
N LYS A 76 40.98 -16.41 8.03
CA LYS A 76 42.10 -17.20 8.53
C LYS A 76 43.39 -16.39 8.45
N VAL A 77 44.18 -16.40 9.51
CA VAL A 77 45.44 -15.68 9.50
C VAL A 77 46.30 -16.16 8.32
N GLY A 78 46.94 -15.22 7.64
CA GLY A 78 47.73 -15.55 6.46
C GLY A 78 47.04 -15.31 5.12
N GLN A 79 45.71 -15.33 5.09
CA GLN A 79 44.96 -15.18 3.85
C GLN A 79 44.70 -13.74 3.44
N TYR A 80 44.50 -13.53 2.14
CA TYR A 80 44.22 -12.22 1.57
C TYR A 80 42.74 -12.14 1.19
N TYR A 81 42.09 -11.04 1.53
CA TYR A 81 40.68 -10.85 1.18
C TYR A 81 40.34 -9.44 0.73
N TYR A 82 39.22 -9.34 0.02
CA TYR A 82 38.55 -8.07 -0.23
C TYR A 82 37.43 -7.94 0.81
N PHE A 83 37.40 -6.81 1.51
CA PHE A 83 36.29 -6.54 2.42
C PHE A 83 35.46 -5.40 1.87
N ILE A 84 34.16 -5.60 1.78
CA ILE A 84 33.30 -4.57 1.21
C ILE A 84 32.12 -4.32 2.13
N GLY A 85 31.83 -3.05 2.37
CA GLY A 85 30.65 -2.70 3.14
C GLY A 85 30.93 -2.27 4.56
N GLY A 86 32.19 -1.96 4.84
CA GLY A 86 32.55 -1.54 6.18
C GLY A 86 32.63 -0.03 6.34
N GLU A 87 32.15 0.46 7.48
CA GLU A 87 32.24 1.88 7.80
C GLU A 87 33.64 2.28 8.23
N VAL A 88 34.28 3.16 7.47
CA VAL A 88 35.48 3.84 7.95
C VAL A 88 35.08 4.66 9.20
N LYS A 89 35.71 4.37 10.34
CA LYS A 89 35.36 5.05 11.57
C LYS A 89 36.59 5.36 12.39
N GLN A 90 36.61 6.50 13.07
CA GLN A 90 37.74 6.83 13.93
C GLN A 90 37.85 5.91 15.15
N PHE A 91 39.09 5.60 15.54
CA PHE A 91 39.35 4.54 16.52
C PHE A 91 40.29 5.05 17.62
N LYS A 92 40.13 6.33 17.97
CA LYS A 92 41.11 7.02 18.81
C LYS A 92 42.44 7.17 18.06
N ASN A 93 42.65 8.38 17.51
CA ASN A 93 43.82 8.74 16.69
C ASN A 93 44.06 7.87 15.45
N ASN A 94 43.44 6.69 15.42
CA ASN A 94 43.53 5.79 14.28
C ASN A 94 42.23 5.76 13.49
N LEU A 95 42.27 5.12 12.33
CA LEU A 95 41.05 4.75 11.64
C LEU A 95 40.84 3.26 11.80
N GLU A 96 39.59 2.82 11.69
CA GLU A 96 39.30 1.41 11.63
C GLU A 96 38.17 1.21 10.64
N LEU A 97 37.97 -0.03 10.22
CA LEU A 97 36.84 -0.43 9.41
C LEU A 97 35.89 -1.24 10.29
N LYS A 98 34.62 -0.84 10.30
CA LYS A 98 33.66 -1.41 11.21
C LYS A 98 32.49 -2.07 10.44
N PHE A 99 32.29 -3.37 10.67
CA PHE A 99 31.28 -4.15 9.96
C PHE A 99 30.06 -4.48 10.83
N LYS A 100 28.99 -3.72 10.65
CA LYS A 100 27.86 -3.74 11.58
C LYS A 100 26.50 -4.13 10.98
N PHE A 101 26.40 -4.17 9.66
CA PHE A 101 25.07 -4.27 9.04
C PHE A 101 24.65 -5.64 8.54
N GLY A 102 25.54 -6.61 8.58
CA GLY A 102 25.15 -7.92 8.09
C GLY A 102 24.76 -8.00 6.61
N ASP A 103 25.11 -6.99 5.82
CA ASP A 103 25.12 -7.18 4.37
C ASP A 103 26.49 -6.89 3.77
N TYR A 104 27.53 -6.83 4.60
CA TYR A 104 28.89 -6.72 4.11
C TYR A 104 29.37 -8.00 3.44
N GLN A 105 30.46 -7.89 2.68
CA GLN A 105 31.00 -9.02 1.96
C GLN A 105 32.48 -9.25 2.30
N ILE A 106 32.82 -10.50 2.60
CA ILE A 106 34.21 -10.90 2.71
C ILE A 106 34.51 -11.86 1.57
N ILE A 107 35.36 -11.42 0.64
CA ILE A 107 35.64 -12.21 -0.54
C ILE A 107 37.09 -12.64 -0.51
N PRO A 108 37.33 -13.95 -0.44
CA PRO A 108 38.73 -14.44 -0.45
C PRO A 108 39.34 -14.17 -1.82
N LYS A 109 40.56 -13.63 -1.86
CA LYS A 109 41.17 -13.32 -3.15
C LYS A 109 41.48 -14.58 -3.93
N GLU A 110 41.98 -15.60 -3.24
CA GLU A 110 42.37 -16.84 -3.89
C GLU A 110 41.33 -17.44 -4.84
N THR A 111 40.15 -17.76 -4.31
CA THR A 111 39.15 -18.44 -5.13
C THR A 111 38.39 -17.50 -6.06
N LEU A 112 38.95 -16.34 -6.30
CA LEU A 112 38.28 -15.34 -7.14
C LEU A 112 38.15 -15.82 -8.59
N GLY A 113 36.91 -15.88 -9.07
CA GLY A 113 36.64 -16.33 -10.42
C GLY A 113 36.77 -17.84 -10.64
N GLY A 114 36.24 -18.62 -9.69
CA GLY A 114 36.28 -20.06 -9.81
C GLY A 114 34.90 -20.69 -9.65
N SER A 115 34.75 -21.88 -10.21
CA SER A 115 33.47 -22.58 -10.18
C SER A 115 33.40 -23.53 -8.98
N GLY A 116 34.33 -23.35 -8.04
CA GLY A 116 34.39 -24.16 -6.84
C GLY A 116 33.06 -24.27 -6.12
N GLY A 117 32.38 -23.16 -5.94
CA GLY A 117 31.09 -23.16 -5.25
C GLY A 117 29.90 -23.27 -6.18
N SER A 118 30.03 -24.09 -7.23
CA SER A 118 29.03 -24.12 -8.30
C SER A 118 27.83 -25.01 -8.00
N THR A 119 27.95 -25.84 -6.97
CA THR A 119 26.82 -26.63 -6.45
C THR A 119 26.12 -27.55 -7.48
N LEU A 120 26.81 -28.62 -7.87
CA LEU A 120 26.25 -29.62 -8.76
C LEU A 120 25.63 -30.87 -8.05
N LEU A 121 25.36 -31.91 -8.82
CA LEU A 121 24.68 -33.12 -8.30
C LEU A 121 25.61 -34.33 -8.24
N ILE A 122 25.33 -35.26 -7.32
CA ILE A 122 26.24 -36.39 -7.07
C ILE A 122 26.59 -37.18 -8.33
N SER A 123 25.57 -37.56 -9.09
CA SER A 123 25.75 -38.31 -10.32
C SER A 123 26.61 -37.49 -11.28
N GLU A 124 26.36 -36.18 -11.28
CA GLU A 124 27.21 -35.26 -12.04
C GLU A 124 28.62 -35.27 -11.46
N VAL A 125 28.73 -34.97 -10.18
CA VAL A 125 30.00 -34.98 -9.49
C VAL A 125 30.81 -36.21 -9.87
N LEU A 126 30.15 -37.37 -9.87
CA LEU A 126 30.83 -38.61 -10.17
C LEU A 126 31.17 -38.75 -11.65
N LYS A 127 30.64 -37.84 -12.47
CA LYS A 127 31.04 -37.74 -13.86
C LYS A 127 32.02 -36.67 -14.36
N THR A 128 32.03 -35.53 -13.68
CA THR A 128 32.74 -34.32 -14.12
C THR A 128 34.17 -34.21 -13.56
N SER A 129 35.09 -33.72 -14.39
CA SER A 129 36.49 -33.65 -14.02
C SER A 129 37.07 -32.40 -13.36
N LYS A 130 36.20 -31.51 -12.91
CA LYS A 130 36.61 -30.38 -12.08
C LYS A 130 37.43 -30.87 -10.88
N GLN A 131 38.17 -29.97 -10.24
CA GLN A 131 38.89 -30.36 -9.03
C GLN A 131 38.29 -29.71 -7.78
N TYR A 132 37.41 -28.73 -7.97
CA TYR A 132 36.77 -28.05 -6.86
C TYR A 132 35.29 -27.86 -7.16
N LEU A 133 34.44 -28.32 -6.25
CA LEU A 133 33.01 -28.36 -6.51
C LEU A 133 32.21 -28.33 -5.22
N SER A 134 30.89 -28.42 -5.33
CA SER A 134 30.02 -28.37 -4.17
C SER A 134 28.77 -29.22 -4.35
N VAL A 135 28.42 -30.02 -3.36
CA VAL A 135 27.24 -30.86 -3.44
C VAL A 135 26.25 -30.56 -2.33
N LEU A 136 24.97 -30.59 -2.68
CA LEU A 136 23.92 -30.63 -1.67
C LEU A 136 23.50 -32.08 -1.55
N ALA A 137 24.04 -32.77 -0.55
CA ALA A 137 23.79 -34.19 -0.40
C ALA A 137 23.34 -34.59 1.02
N GLN A 138 23.12 -35.88 1.19
CA GLN A 138 22.58 -36.42 2.43
C GLN A 138 23.55 -37.42 3.06
N VAL A 139 23.77 -37.29 4.36
CA VAL A 139 24.72 -38.15 5.06
C VAL A 139 24.10 -39.50 5.43
N VAL A 140 24.70 -40.57 4.93
CA VAL A 140 24.19 -41.91 5.19
C VAL A 140 25.18 -42.75 6.02
N ASP A 141 26.31 -42.17 6.40
CA ASP A 141 27.32 -42.89 7.18
C ASP A 141 28.36 -41.97 7.79
N ILE A 142 28.64 -42.16 9.08
CA ILE A 142 29.54 -41.28 9.81
C ILE A 142 30.58 -42.04 10.62
N GLN A 143 31.83 -41.88 10.25
CA GLN A 143 32.95 -42.41 11.04
C GLN A 143 33.77 -41.26 11.61
N SER A 144 33.60 -40.97 12.89
CA SER A 144 34.15 -39.78 13.49
C SER A 144 35.31 -40.12 14.43
N SER A 145 36.46 -39.49 14.19
CA SER A 145 37.68 -39.77 14.94
C SER A 145 38.25 -38.56 15.64
N ASP A 146 39.36 -38.81 16.33
CA ASP A 146 40.17 -37.79 16.96
C ASP A 146 40.28 -36.52 16.11
N LYS A 147 40.84 -36.68 14.92
CA LYS A 147 41.15 -35.54 14.06
C LYS A 147 40.53 -35.56 12.66
N ASN A 148 39.63 -36.51 12.43
CA ASN A 148 39.12 -36.75 11.08
C ASN A 148 37.74 -37.40 11.07
N ILE A 149 36.86 -36.87 10.21
CA ILE A 149 35.56 -37.47 10.01
C ILE A 149 35.44 -38.04 8.61
N ARG A 150 35.05 -39.31 8.51
CA ARG A 150 34.74 -39.89 7.21
C ARG A 150 33.22 -40.02 7.04
N LEU A 151 32.71 -39.46 5.96
CA LEU A 151 31.29 -39.54 5.66
C LEU A 151 31.05 -40.39 4.42
N LYS A 152 29.81 -40.80 4.26
CA LYS A 152 29.33 -41.33 3.01
C LYS A 152 28.07 -40.55 2.72
N ILE A 153 28.06 -39.81 1.61
CA ILE A 153 26.89 -39.01 1.25
C ILE A 153 26.19 -39.57 0.03
N CYS A 154 24.88 -39.40 -0.01
CA CYS A 154 24.12 -39.87 -1.16
C CYS A 154 23.09 -38.83 -1.57
N ASP A 155 22.56 -39.00 -2.78
CA ASP A 155 21.60 -38.06 -3.34
C ASP A 155 20.58 -38.83 -4.19
N ASN A 156 19.60 -38.12 -4.74
CA ASN A 156 18.51 -38.76 -5.46
C ASN A 156 18.71 -38.92 -6.96
N SER A 157 19.94 -38.75 -7.42
CA SER A 157 20.25 -38.94 -8.83
C SER A 157 21.15 -40.15 -9.04
N CYS A 158 21.47 -40.84 -7.96
CA CYS A 158 22.25 -42.07 -8.03
C CYS A 158 21.89 -43.01 -6.86
N ASN A 159 22.34 -44.26 -6.96
CA ASN A 159 22.20 -45.20 -5.86
C ASN A 159 23.55 -45.37 -5.18
N GLN A 160 24.55 -44.72 -5.75
CA GLN A 160 25.89 -44.72 -5.19
C GLN A 160 26.04 -43.70 -4.07
N GLU A 161 26.79 -44.08 -3.05
CA GLU A 161 27.15 -43.15 -1.99
C GLU A 161 28.51 -42.57 -2.33
N LEU A 162 28.68 -41.29 -2.01
CA LEU A 162 29.94 -40.60 -2.21
C LEU A 162 30.75 -40.61 -0.93
N LYS A 163 32.04 -40.87 -1.05
CA LYS A 163 32.93 -40.90 0.11
C LYS A 163 33.54 -39.51 0.36
N VAL A 164 33.49 -39.04 1.60
CA VAL A 164 33.90 -37.69 1.94
C VAL A 164 34.80 -37.68 3.17
N VAL A 165 35.98 -37.09 3.08
CA VAL A 165 36.90 -37.03 4.23
C VAL A 165 37.05 -35.60 4.69
N ILE A 166 36.86 -35.37 5.99
CA ILE A 166 36.94 -34.02 6.54
C ILE A 166 38.10 -33.90 7.53
N PHE A 167 38.98 -32.95 7.27
CA PHE A 167 40.23 -32.88 8.01
C PHE A 167 40.29 -31.75 9.02
N PRO A 168 41.27 -31.84 9.95
CA PRO A 168 41.51 -30.96 11.08
C PRO A 168 41.41 -29.51 10.69
N ASP A 169 40.73 -28.76 11.56
CA ASP A 169 40.34 -27.36 11.40
C ASP A 169 38.83 -27.35 11.22
N LEU A 170 38.37 -27.96 10.14
CA LEU A 170 36.95 -27.96 9.83
C LEU A 170 36.21 -29.10 10.53
N CYS A 171 36.90 -30.21 10.79
CA CYS A 171 36.22 -31.32 11.46
C CYS A 171 35.89 -31.06 12.95
N TYR A 172 36.81 -30.43 13.68
CA TYR A 172 36.55 -30.04 15.07
C TYR A 172 35.20 -29.37 15.20
N GLU A 173 34.91 -28.41 14.32
CA GLU A 173 33.66 -27.69 14.42
C GLU A 173 32.47 -28.50 13.89
N TRP A 174 32.69 -29.81 13.68
CA TRP A 174 31.65 -30.68 13.11
C TRP A 174 31.62 -32.08 13.70
N ARG A 175 32.47 -32.35 14.68
CA ARG A 175 32.70 -33.72 15.19
C ARG A 175 31.44 -34.55 15.44
N ASP A 176 30.44 -33.95 16.10
CA ASP A 176 29.19 -34.66 16.35
C ASP A 176 28.00 -33.79 16.00
N LYS A 177 28.17 -32.96 14.97
CA LYS A 177 27.10 -32.07 14.55
C LYS A 177 26.42 -32.63 13.31
N PHE A 178 26.84 -33.82 12.89
CA PHE A 178 26.22 -34.49 11.75
C PHE A 178 25.10 -35.40 12.23
N SER A 179 23.98 -35.39 11.51
CA SER A 179 22.87 -36.29 11.81
C SER A 179 22.70 -37.21 10.62
N ILE A 180 22.37 -38.47 10.86
CA ILE A 180 22.10 -39.37 9.74
C ILE A 180 20.86 -38.93 8.95
N ASN A 181 20.93 -39.05 7.63
CA ASN A 181 19.81 -38.70 6.76
C ASN A 181 19.39 -37.22 6.78
N LYS A 182 20.25 -36.36 7.32
CA LYS A 182 20.06 -34.93 7.21
C LYS A 182 20.76 -34.41 5.93
N TRP A 183 20.42 -33.19 5.52
CA TRP A 183 20.90 -32.65 4.26
C TRP A 183 21.86 -31.48 4.44
N TYR A 184 23.03 -31.57 3.81
CA TYR A 184 24.07 -30.57 3.99
C TYR A 184 24.62 -30.07 2.66
N TYR A 185 24.96 -28.79 2.61
CA TYR A 185 25.75 -28.25 1.50
C TYR A 185 27.24 -28.39 1.80
N PHE A 186 27.95 -29.11 0.93
CA PHE A 186 29.39 -29.23 1.05
C PHE A 186 30.07 -28.31 0.04
N ASN A 187 30.42 -27.10 0.48
CA ASN A 187 30.94 -26.07 -0.42
C ASN A 187 32.45 -26.09 -0.61
N GLU A 188 32.88 -26.07 -1.86
CA GLU A 188 34.30 -25.89 -2.19
C GLU A 188 35.16 -27.04 -1.68
N PHE A 189 34.76 -28.26 -1.98
CA PHE A 189 35.58 -29.40 -1.60
C PHE A 189 36.50 -29.78 -2.74
N VAL A 190 37.33 -30.78 -2.48
CA VAL A 190 38.39 -31.19 -3.38
C VAL A 190 38.14 -32.60 -3.91
N ARG A 191 37.66 -32.72 -5.16
CA ARG A 191 37.59 -34.00 -5.87
C ARG A 191 38.98 -34.64 -5.88
N GLN A 192 39.03 -35.94 -5.65
CA GLN A 192 40.30 -36.62 -5.44
C GLN A 192 40.15 -38.11 -5.73
N ILE A 193 41.26 -38.81 -5.93
CA ILE A 193 41.20 -40.23 -6.23
C ILE A 193 42.16 -41.05 -5.39
N TYR A 194 41.65 -42.14 -4.82
CA TYR A 194 42.50 -43.08 -4.10
C TYR A 194 42.56 -44.41 -4.85
N ASN A 195 41.47 -45.17 -4.76
CA ASN A 195 41.41 -46.49 -5.38
C ASN A 195 40.50 -46.48 -6.60
N ASP A 196 40.68 -45.47 -7.45
CA ASP A 196 39.80 -45.25 -8.59
C ASP A 196 38.39 -45.31 -7.98
N GLU A 197 38.29 -44.89 -6.72
CA GLU A 197 37.02 -44.51 -6.12
C GLU A 197 37.38 -43.08 -5.73
N VAL A 198 36.40 -42.19 -5.86
CA VAL A 198 36.65 -40.76 -5.76
C VAL A 198 36.22 -40.13 -4.43
N GLN A 199 37.20 -39.86 -3.57
CA GLN A 199 36.95 -39.11 -2.34
C GLN A 199 36.74 -37.62 -2.62
N LEU A 200 35.80 -37.02 -1.91
CA LEU A 200 35.82 -35.58 -1.72
C LEU A 200 36.63 -35.30 -0.44
N LYS A 201 37.36 -34.21 -0.42
CA LYS A 201 38.16 -33.84 0.73
C LYS A 201 37.95 -32.34 0.95
N ASN A 202 38.17 -31.87 2.17
CA ASN A 202 38.09 -30.42 2.40
C ASN A 202 39.48 -29.81 2.34
N ASN A 203 39.53 -28.50 2.13
CA ASN A 203 40.76 -27.73 2.35
C ASN A 203 40.44 -26.37 2.95
N ILE A 204 41.46 -25.53 3.08
CA ILE A 204 41.34 -24.26 3.76
C ILE A 204 40.12 -23.44 3.34
N HIS A 205 39.63 -23.66 2.11
CA HIS A 205 38.50 -22.89 1.57
C HIS A 205 37.14 -23.58 1.68
N SER A 206 37.12 -24.81 2.17
CA SER A 206 35.89 -25.58 2.24
C SER A 206 34.93 -25.07 3.32
N SER A 207 33.64 -25.23 3.10
CA SER A 207 32.65 -24.91 4.12
C SER A 207 31.53 -25.95 4.11
N ILE A 208 30.75 -25.96 5.19
CA ILE A 208 29.59 -26.83 5.27
C ILE A 208 28.39 -26.06 5.83
N LYS A 209 27.25 -26.20 5.17
CA LYS A 209 26.02 -25.54 5.59
C LYS A 209 24.89 -26.57 5.63
N GLU A 210 24.11 -26.56 6.72
CA GLU A 210 22.99 -27.48 6.86
C GLU A 210 21.76 -26.94 6.13
N SER A 211 21.39 -27.58 5.02
CA SER A 211 20.14 -27.25 4.34
C SER A 211 19.00 -27.26 5.34
N ASP A 212 18.32 -26.13 5.50
CA ASP A 212 17.27 -26.00 6.52
C ASP A 212 15.97 -26.72 6.13
N ASP A 213 16.03 -27.49 5.03
CA ASP A 213 14.85 -28.15 4.46
C ASP A 213 14.64 -29.56 5.03
N SER B 2 2.89 -4.21 6.21
CA SER B 2 3.93 -5.16 6.64
C SER B 2 5.32 -4.61 6.32
N LEU B 3 6.30 -4.97 7.16
CA LEU B 3 7.65 -4.47 6.97
C LEU B 3 8.47 -5.36 6.05
N SER B 4 8.39 -6.67 6.24
CA SER B 4 9.15 -7.60 5.41
C SER B 4 8.76 -7.43 3.94
N ASP B 5 7.51 -7.05 3.71
CA ASP B 5 7.03 -6.74 2.37
C ASP B 5 7.68 -5.47 1.86
N GLN B 6 7.95 -4.55 2.77
CA GLN B 6 8.55 -3.29 2.40
C GLN B 6 10.04 -3.49 2.10
N LEU B 7 10.69 -4.37 2.84
CA LEU B 7 12.10 -4.65 2.58
C LEU B 7 12.27 -5.53 1.35
N SER B 8 11.18 -6.17 0.93
CA SER B 8 11.16 -6.95 -0.31
C SER B 8 11.55 -6.10 -1.49
N LYS B 9 11.03 -4.88 -1.51
CA LYS B 9 11.18 -3.94 -2.61
C LYS B 9 12.63 -3.65 -3.02
N GLN B 10 12.85 -3.56 -4.33
CA GLN B 10 14.19 -3.34 -4.86
C GLN B 10 14.85 -2.06 -4.34
N THR B 11 16.09 -2.20 -3.87
CA THR B 11 16.91 -1.05 -3.49
C THR B 11 17.50 -0.37 -4.73
N LEU B 12 17.24 0.93 -4.87
CA LEU B 12 17.75 1.68 -6.01
C LEU B 12 18.79 2.70 -5.58
N LEU B 13 19.80 2.89 -6.43
CA LEU B 13 20.77 3.95 -6.22
C LEU B 13 20.17 5.25 -6.77
N ILE B 14 20.81 6.37 -6.46
CA ILE B 14 20.37 7.65 -7.00
C ILE B 14 20.32 7.62 -8.53
N SER B 15 21.26 6.90 -9.13
CA SER B 15 21.37 6.86 -10.58
C SER B 15 20.29 6.00 -11.22
N GLN B 16 19.52 5.29 -10.39
CA GLN B 16 18.50 4.37 -10.90
C GLN B 16 17.07 4.85 -10.64
N LEU B 17 16.94 5.93 -9.87
CA LEU B 17 15.63 6.52 -9.61
C LEU B 17 15.02 7.05 -10.90
N GLN B 18 13.69 6.94 -11.02
CA GLN B 18 12.95 7.54 -12.13
C GLN B 18 11.61 8.10 -11.63
N VAL B 19 11.21 9.25 -12.18
CA VAL B 19 9.94 9.86 -11.76
C VAL B 19 8.73 8.96 -11.99
N GLY B 20 8.84 8.08 -12.98
CA GLY B 20 7.71 7.26 -13.39
C GLY B 20 7.53 6.01 -12.55
N LYS B 21 8.38 5.87 -11.54
CA LYS B 21 8.30 4.73 -10.63
C LYS B 21 7.38 5.05 -9.47
N ASN B 22 6.51 4.11 -9.10
CA ASN B 22 5.59 4.32 -8.00
C ASN B 22 6.34 4.51 -6.68
N ARG B 23 5.92 5.47 -5.85
CA ARG B 23 6.59 5.71 -4.57
C ARG B 23 6.90 4.45 -3.77
N PHE B 24 6.06 3.43 -3.84
CA PHE B 24 6.27 2.25 -2.99
C PHE B 24 6.85 1.05 -3.74
N SER B 25 7.35 1.28 -4.96
CA SER B 25 7.88 0.19 -5.77
C SER B 25 9.36 -0.08 -5.54
N PHE B 26 10.02 0.81 -4.81
CA PHE B 26 11.43 0.66 -4.51
C PHE B 26 11.69 1.09 -3.08
N LYS B 27 12.88 0.79 -2.58
CA LYS B 27 13.37 1.45 -1.38
C LYS B 27 14.71 2.06 -1.72
N PHE B 28 15.18 2.99 -0.89
CA PHE B 28 16.40 3.71 -1.17
C PHE B 28 17.25 3.70 0.08
N GLU B 29 18.47 3.20 -0.04
CA GLU B 29 19.39 3.25 1.10
C GLU B 29 20.21 4.54 1.04
N GLY B 30 20.24 5.26 2.15
CA GLY B 30 20.98 6.52 2.19
C GLY B 30 21.73 6.70 3.49
N ARG B 31 22.86 7.39 3.40
CA ARG B 31 23.59 7.78 4.58
C ARG B 31 23.36 9.27 4.76
N VAL B 32 22.94 9.66 5.95
CA VAL B 32 22.66 11.06 6.20
C VAL B 32 23.97 11.83 6.35
N VAL B 33 24.27 12.69 5.37
CA VAL B 33 25.47 13.53 5.44
C VAL B 33 25.19 14.96 5.90
N TYR B 34 23.91 15.35 5.93
CA TYR B 34 23.51 16.70 6.35
C TYR B 34 22.03 16.75 6.73
N LYS B 35 21.72 17.43 7.81
CA LYS B 35 20.33 17.63 8.20
C LYS B 35 20.08 19.08 8.50
N SER B 36 19.16 19.70 7.76
CA SER B 36 18.78 21.09 7.97
C SER B 36 18.03 21.22 9.28
N SER B 37 17.57 22.42 9.58
CA SER B 37 16.68 22.62 10.71
C SER B 37 15.24 22.50 10.23
N THR B 38 14.31 22.36 11.15
CA THR B 38 12.89 22.42 10.81
C THR B 38 12.56 23.87 10.42
N PHE B 39 11.74 24.04 9.40
CA PHE B 39 11.29 25.37 9.02
C PHE B 39 9.80 25.51 9.31
N GLN B 40 9.39 26.69 9.79
CA GLN B 40 7.98 26.87 10.13
C GLN B 40 7.57 28.34 10.12
N ASN B 41 6.94 28.76 9.04
CA ASN B 41 6.36 30.10 8.98
C ASN B 41 4.83 30.08 9.03
N GLN B 42 4.25 28.89 9.14
CA GLN B 42 2.80 28.75 9.27
C GLN B 42 2.44 27.77 10.37
N GLN B 43 1.20 27.81 10.83
CA GLN B 43 0.72 26.83 11.80
C GLN B 43 0.59 25.46 11.13
N ASP B 44 1.21 24.46 11.74
CA ASP B 44 1.20 23.08 11.22
C ASP B 44 1.58 22.90 9.74
N SER B 45 2.67 23.55 9.32
CA SER B 45 3.27 23.26 8.03
C SER B 45 4.81 23.31 8.16
N LYS B 46 5.31 22.64 9.19
CA LYS B 46 6.75 22.39 9.35
C LYS B 46 7.29 21.57 8.20
N TYR B 47 8.56 21.77 7.88
CA TYR B 47 9.26 20.91 6.94
C TYR B 47 10.75 20.95 7.21
N PHE B 48 11.48 19.97 6.67
CA PHE B 48 12.94 19.97 6.74
C PHE B 48 13.50 19.10 5.64
N PHE B 49 14.80 19.11 5.47
CA PHE B 49 15.39 18.23 4.48
C PHE B 49 16.72 17.67 4.91
N ILE B 50 17.12 16.57 4.29
CA ILE B 50 18.44 16.02 4.52
C ILE B 50 19.12 15.80 3.19
N THR B 51 20.44 15.70 3.24
CA THR B 51 21.20 15.26 2.09
C THR B 51 21.65 13.85 2.41
N ALA B 52 21.45 12.94 1.47
CA ALA B 52 21.74 11.52 1.71
C ALA B 52 22.71 11.03 0.66
N GLN B 53 23.58 10.11 1.06
CA GLN B 53 24.63 9.61 0.20
C GLN B 53 24.34 8.15 -0.13
N ASP B 54 24.51 7.78 -1.39
CA ASP B 54 24.35 6.40 -1.80
C ASP B 54 25.73 5.71 -1.98
N ALA B 55 25.70 4.51 -2.57
CA ALA B 55 26.89 3.69 -2.72
C ALA B 55 27.87 4.15 -3.82
N ASN B 56 27.49 5.15 -4.61
CA ASN B 56 28.43 5.73 -5.60
C ASN B 56 29.00 7.04 -5.08
N ASN B 57 28.74 7.31 -3.80
CA ASN B 57 29.08 8.59 -3.21
C ASN B 57 28.30 9.77 -3.80
N GLN B 58 27.31 9.48 -4.64
CA GLN B 58 26.41 10.54 -5.10
C GLN B 58 25.53 10.99 -3.93
N GLU B 59 24.99 12.21 -4.03
CA GLU B 59 24.16 12.76 -2.97
C GLU B 59 22.82 13.22 -3.52
N ILE B 60 21.81 13.17 -2.66
CA ILE B 60 20.47 13.52 -3.09
C ILE B 60 19.72 14.20 -1.94
N ASN B 61 18.81 15.09 -2.30
CA ASN B 61 18.02 15.83 -1.35
C ASN B 61 16.74 15.05 -1.00
N LEU B 62 16.45 14.89 0.29
CA LEU B 62 15.15 14.34 0.70
C LEU B 62 14.38 15.39 1.49
N SER B 63 13.16 15.71 1.06
CA SER B 63 12.31 16.66 1.77
C SER B 63 11.20 15.97 2.55
N PHE B 64 10.91 16.49 3.74
CA PHE B 64 9.91 15.86 4.59
C PHE B 64 8.84 16.89 4.91
N TRP B 65 7.60 16.59 4.52
CA TRP B 65 6.53 17.56 4.61
C TRP B 65 5.45 17.10 5.54
N GLN B 66 5.47 15.82 5.88
CA GLN B 66 4.55 15.29 6.88
C GLN B 66 5.28 14.39 7.85
N LYS B 67 4.65 14.12 8.99
CA LYS B 67 5.29 13.36 10.06
C LYS B 67 6.66 13.93 10.38
N VAL B 68 6.76 15.25 10.42
CA VAL B 68 8.04 15.92 10.58
C VAL B 68 8.67 15.73 11.94
N ASP B 69 7.88 15.87 13.00
CA ASP B 69 8.48 15.74 14.33
C ASP B 69 9.14 14.37 14.51
N GLN B 70 8.39 13.30 14.22
CA GLN B 70 8.92 11.96 14.39
C GLN B 70 10.16 11.72 13.52
N SER B 71 10.06 12.06 12.25
CA SER B 71 11.15 11.88 11.30
C SER B 71 12.40 12.63 11.71
N TYR B 72 12.23 13.89 12.08
CA TYR B 72 13.37 14.69 12.46
C TYR B 72 14.12 14.09 13.67
N GLN B 73 13.40 13.42 14.56
CA GLN B 73 14.04 12.83 15.73
C GLN B 73 14.68 11.48 15.37
N THR B 74 14.16 10.84 14.34
CA THR B 74 14.66 9.54 13.93
C THR B 74 15.99 9.66 13.18
N LEU B 75 16.09 10.66 12.32
CA LEU B 75 17.22 10.79 11.42
C LEU B 75 18.37 11.51 12.08
N LYS B 76 19.55 10.89 12.06
CA LYS B 76 20.76 11.47 12.64
C LYS B 76 21.92 11.42 11.67
N VAL B 77 22.69 12.49 11.61
CA VAL B 77 23.81 12.53 10.68
C VAL B 77 24.76 11.39 11.00
N GLY B 78 25.32 10.77 9.96
CA GLY B 78 26.23 9.67 10.14
C GLY B 78 25.61 8.30 9.97
N GLN B 79 24.32 8.16 10.26
CA GLN B 79 23.64 6.87 10.23
C GLN B 79 23.12 6.49 8.85
N TYR B 80 22.81 5.21 8.67
CA TYR B 80 22.33 4.67 7.40
C TYR B 80 20.88 4.23 7.58
N TYR B 81 20.03 4.54 6.59
CA TYR B 81 18.64 4.11 6.65
C TYR B 81 18.12 3.59 5.32
N TYR B 82 17.00 2.89 5.39
CA TYR B 82 16.17 2.63 4.23
C TYR B 82 15.02 3.63 4.28
N PHE B 83 14.77 4.34 3.17
CA PHE B 83 13.61 5.22 3.06
C PHE B 83 12.64 4.61 2.06
N ILE B 84 11.39 4.46 2.47
CA ILE B 84 10.38 3.86 1.61
C ILE B 84 9.17 4.77 1.49
N GLY B 85 8.66 4.92 0.27
CA GLY B 85 7.44 5.67 0.04
C GLY B 85 7.63 7.12 -0.33
N GLY B 86 8.85 7.49 -0.72
CA GLY B 86 9.12 8.85 -1.13
C GLY B 86 8.95 9.00 -2.63
N GLU B 87 8.29 10.07 -3.07
CA GLU B 87 8.07 10.27 -4.49
C GLU B 87 9.31 10.85 -5.19
N VAL B 88 9.75 10.21 -6.27
CA VAL B 88 10.83 10.77 -7.05
C VAL B 88 10.34 11.99 -7.83
N LYS B 89 10.99 13.14 -7.65
CA LYS B 89 10.52 14.38 -8.23
C LYS B 89 11.67 15.29 -8.67
N GLN B 90 11.53 15.91 -9.83
CA GLN B 90 12.52 16.89 -10.29
C GLN B 90 12.66 18.03 -9.31
N PHE B 91 13.90 18.32 -8.92
CA PHE B 91 14.16 19.48 -8.07
C PHE B 91 14.50 20.66 -8.97
N LYS B 92 15.75 20.69 -9.43
CA LYS B 92 16.15 21.61 -10.48
C LYS B 92 17.36 21.04 -11.20
N ASN B 93 17.11 20.43 -12.36
CA ASN B 93 18.15 19.69 -13.09
C ASN B 93 18.55 18.41 -12.35
N ASN B 94 18.11 18.30 -11.10
CA ASN B 94 18.37 17.12 -10.30
C ASN B 94 17.08 16.42 -9.90
N LEU B 95 17.22 15.21 -9.35
CA LEU B 95 16.09 14.55 -8.73
C LEU B 95 16.16 14.72 -7.22
N GLU B 96 15.02 14.58 -6.58
CA GLU B 96 14.98 14.51 -5.12
C GLU B 96 13.95 13.46 -4.75
N LEU B 97 13.97 13.05 -3.49
CA LEU B 97 12.94 12.21 -2.94
C LEU B 97 12.11 13.09 -2.02
N LYS B 98 10.80 13.01 -2.18
CA LYS B 98 9.88 13.91 -1.50
C LYS B 98 8.86 13.10 -0.69
N PHE B 99 8.86 13.31 0.62
CA PHE B 99 8.00 12.56 1.53
C PHE B 99 6.86 13.43 2.03
N LYS B 100 5.67 13.19 1.48
CA LYS B 100 4.56 14.13 1.61
C LYS B 100 3.27 13.53 2.16
N PHE B 101 3.21 12.21 2.21
CA PHE B 101 2.06 11.54 2.80
C PHE B 101 2.43 11.07 4.18
N GLY B 102 1.49 10.50 4.91
CA GLY B 102 1.75 10.09 6.28
C GLY B 102 2.14 8.63 6.45
N ASP B 103 2.38 7.92 5.35
CA ASP B 103 2.65 6.51 5.46
C ASP B 103 4.01 6.08 4.93
N TYR B 104 4.92 7.03 4.72
CA TYR B 104 6.29 6.68 4.35
C TYR B 104 7.00 6.07 5.56
N GLN B 105 8.06 5.29 5.31
CA GLN B 105 8.77 4.65 6.39
C GLN B 105 10.27 4.97 6.37
N ILE B 106 10.81 5.30 7.53
CA ILE B 106 12.26 5.44 7.72
C ILE B 106 12.77 4.29 8.58
N ILE B 107 13.60 3.44 8.00
CA ILE B 107 14.05 2.23 8.69
C ILE B 107 15.54 2.27 8.96
N PRO B 108 15.92 2.38 10.23
CA PRO B 108 17.34 2.40 10.59
C PRO B 108 17.98 1.09 10.13
N LYS B 109 19.16 1.13 9.52
CA LYS B 109 19.71 -0.10 8.93
C LYS B 109 20.34 -1.04 9.95
N GLU B 110 21.03 -0.52 10.96
CA GLU B 110 21.29 -1.35 12.13
C GLU B 110 19.92 -1.79 12.62
N THR B 111 19.87 -2.60 13.65
CA THR B 111 18.57 -2.85 14.29
C THR B 111 17.65 -3.71 13.43
N LEU B 112 18.02 -3.89 12.16
CA LEU B 112 17.16 -4.60 11.22
C LEU B 112 16.67 -5.97 11.71
N GLY B 113 17.58 -6.80 12.19
CA GLY B 113 17.16 -8.11 12.68
C GLY B 113 16.81 -8.19 14.16
N GLY B 114 17.01 -7.09 14.87
CA GLY B 114 16.95 -7.10 16.32
C GLY B 114 15.58 -7.19 16.95
N SER B 115 15.55 -7.65 18.20
CA SER B 115 14.30 -7.74 18.96
C SER B 115 14.19 -6.58 19.92
N GLY B 116 15.13 -5.63 19.83
CA GLY B 116 15.13 -4.46 20.68
C GLY B 116 13.78 -3.78 20.81
N GLY B 117 13.05 -3.69 19.70
CA GLY B 117 11.73 -3.05 19.69
C GLY B 117 10.65 -3.83 20.41
N SER B 118 11.02 -5.05 20.85
CA SER B 118 10.09 -5.94 21.54
C SER B 118 9.62 -5.37 22.88
N THR B 119 8.32 -5.09 22.96
CA THR B 119 7.72 -4.54 24.18
C THR B 119 7.40 -5.59 25.23
N LEU B 120 8.17 -5.61 26.31
CA LEU B 120 7.87 -6.54 27.39
C LEU B 120 7.53 -5.80 28.70
N LEU B 121 6.88 -6.51 29.63
CA LEU B 121 6.43 -5.89 30.87
C LEU B 121 7.54 -5.87 31.92
N ILE B 122 7.39 -5.01 32.92
CA ILE B 122 8.44 -4.81 33.90
C ILE B 122 8.83 -6.11 34.59
N SER B 123 7.84 -6.95 34.87
CA SER B 123 8.12 -8.27 35.43
C SER B 123 9.04 -9.03 34.47
N GLU B 124 8.79 -8.88 33.17
CA GLU B 124 9.64 -9.47 32.13
C GLU B 124 11.06 -8.92 32.18
N VAL B 125 11.19 -7.60 32.20
CA VAL B 125 12.49 -6.96 32.24
C VAL B 125 13.33 -7.48 33.39
N LEU B 126 12.68 -7.69 34.52
CA LEU B 126 13.33 -8.26 35.69
C LEU B 126 13.87 -9.65 35.39
N LYS B 127 13.31 -10.27 34.35
CA LYS B 127 13.57 -11.68 34.06
C LYS B 127 14.04 -11.94 32.63
N THR B 128 14.66 -10.96 31.98
CA THR B 128 15.21 -11.18 30.65
C THR B 128 16.73 -11.21 30.64
N SER B 129 17.31 -11.48 29.48
CA SER B 129 18.75 -11.54 29.34
C SER B 129 19.19 -10.66 28.18
N LYS B 130 18.24 -10.41 27.26
CA LYS B 130 18.50 -9.57 26.10
C LYS B 130 19.14 -8.22 26.47
N GLN B 131 19.89 -7.65 25.53
CA GLN B 131 20.57 -6.37 25.78
C GLN B 131 19.72 -5.16 25.37
N TYR B 132 18.68 -5.37 24.57
CA TYR B 132 17.88 -4.25 24.08
C TYR B 132 16.40 -4.56 24.15
N LEU B 133 15.61 -3.66 24.72
CA LEU B 133 14.18 -3.92 24.92
C LEU B 133 13.36 -2.63 24.95
N SER B 134 12.07 -2.77 25.24
CA SER B 134 11.18 -1.62 25.34
C SER B 134 10.07 -1.87 26.36
N VAL B 135 9.84 -0.92 27.25
CA VAL B 135 8.82 -1.08 28.29
C VAL B 135 7.71 -0.06 28.16
N LEU B 136 6.49 -0.48 28.48
CA LEU B 136 5.42 0.47 28.73
C LEU B 136 5.30 0.58 30.24
N ALA B 137 5.65 1.75 30.79
CA ALA B 137 5.64 1.93 32.24
C ALA B 137 5.24 3.34 32.67
N GLN B 138 5.15 3.54 33.98
CA GLN B 138 4.80 4.85 34.54
C GLN B 138 5.94 5.38 35.41
N VAL B 139 6.16 6.69 35.33
CA VAL B 139 7.23 7.33 36.10
C VAL B 139 6.78 7.60 37.54
N VAL B 140 7.60 7.15 38.50
CA VAL B 140 7.31 7.35 39.91
C VAL B 140 8.41 8.10 40.64
N ASP B 141 9.35 8.67 39.88
CA ASP B 141 10.38 9.54 40.44
C ASP B 141 11.22 10.18 39.32
N ILE B 142 11.35 11.50 39.37
CA ILE B 142 12.05 12.23 38.34
C ILE B 142 13.21 13.05 38.90
N GLN B 143 14.43 12.63 38.62
CA GLN B 143 15.62 13.46 38.91
C GLN B 143 16.20 14.05 37.64
N SER B 144 15.90 15.31 37.37
CA SER B 144 16.28 15.94 36.12
C SER B 144 17.41 16.91 36.34
N SER B 145 18.21 17.14 35.30
CA SER B 145 19.49 17.80 35.49
C SER B 145 20.07 18.34 34.21
N ASP B 146 21.23 18.95 34.37
CA ASP B 146 22.11 19.34 33.27
C ASP B 146 22.58 18.12 32.48
N LYS B 147 21.96 17.95 31.32
CA LYS B 147 22.30 16.87 30.39
C LYS B 147 21.95 15.43 30.77
N ASN B 148 21.16 15.27 31.82
CA ASN B 148 20.84 13.94 32.33
C ASN B 148 19.54 13.85 33.13
N ILE B 149 18.74 12.83 32.83
CA ILE B 149 17.54 12.58 33.58
C ILE B 149 17.60 11.21 34.21
N ARG B 150 17.34 11.15 35.52
CA ARG B 150 17.20 9.87 36.19
C ARG B 150 15.76 9.60 36.57
N LEU B 151 15.29 8.40 36.26
CA LEU B 151 13.90 8.01 36.53
C LEU B 151 13.87 6.74 37.35
N LYS B 152 12.68 6.43 37.83
CA LYS B 152 12.33 5.11 38.36
C LYS B 152 10.95 4.83 37.80
N ILE B 153 10.78 3.67 37.16
CA ILE B 153 9.52 3.39 36.48
C ILE B 153 8.74 2.22 37.06
N CYS B 154 7.42 2.29 36.91
CA CYS B 154 6.53 1.31 37.52
C CYS B 154 5.48 0.74 36.56
N ASP B 155 4.86 -0.36 36.99
CA ASP B 155 4.00 -1.16 36.12
C ASP B 155 2.77 -1.67 36.88
N ASN B 156 1.69 -1.91 36.15
CA ASN B 156 0.53 -2.61 36.68
C ASN B 156 0.90 -4.01 37.18
N SER B 157 1.89 -4.62 36.53
CA SER B 157 2.20 -6.05 36.71
C SER B 157 3.32 -6.36 37.70
N CYS B 158 3.54 -5.50 38.68
CA CYS B 158 4.55 -5.75 39.71
C CYS B 158 4.55 -4.70 40.82
N ASN B 159 5.59 -4.78 41.65
CA ASN B 159 5.75 -3.94 42.82
C ASN B 159 6.97 -3.04 42.69
N GLN B 160 8.03 -3.59 42.09
CA GLN B 160 9.33 -2.93 42.10
C GLN B 160 9.49 -1.81 41.06
N GLU B 161 10.32 -0.83 41.42
CA GLU B 161 10.62 0.29 40.56
C GLU B 161 11.92 0.03 39.82
N LEU B 162 11.91 0.37 38.53
CA LEU B 162 13.05 0.18 37.65
C LEU B 162 13.82 1.50 37.49
N LYS B 163 15.14 1.45 37.58
CA LYS B 163 15.95 2.65 37.40
C LYS B 163 16.32 2.91 35.93
N VAL B 164 16.12 4.14 35.45
CA VAL B 164 16.29 4.46 34.04
C VAL B 164 17.11 5.74 33.88
N VAL B 165 18.22 5.68 33.14
CA VAL B 165 19.03 6.88 32.92
C VAL B 165 18.90 7.37 31.48
N ILE B 166 18.51 8.63 31.29
CA ILE B 166 18.40 9.23 29.96
C ILE B 166 19.55 10.20 29.70
N PHE B 167 20.29 9.98 28.64
CA PHE B 167 21.49 10.79 28.39
C PHE B 167 21.34 11.82 27.30
N PRO B 168 22.33 12.72 27.21
CA PRO B 168 22.33 13.84 26.26
C PRO B 168 21.85 13.49 24.87
N ASP B 169 21.11 14.46 24.34
CA ASP B 169 20.49 14.42 23.01
C ASP B 169 19.02 14.03 23.15
N LEU B 170 18.75 12.95 23.87
CA LEU B 170 17.36 12.58 24.13
C LEU B 170 16.84 13.26 25.39
N CYS B 171 17.72 13.52 26.35
CA CYS B 171 17.26 14.14 27.59
C CYS B 171 16.80 15.59 27.42
N TYR B 172 17.44 16.34 26.52
CA TYR B 172 17.00 17.70 26.24
C TYR B 172 15.56 17.64 25.74
N GLU B 173 15.34 16.79 24.76
CA GLU B 173 14.01 16.57 24.19
C GLU B 173 12.95 16.32 25.29
N TRP B 174 13.40 16.05 26.51
CA TRP B 174 12.51 15.59 27.60
C TRP B 174 12.78 16.22 28.96
N ARG B 175 13.55 17.31 28.99
CA ARG B 175 14.10 17.84 30.26
C ARG B 175 13.02 18.15 31.32
N ASP B 176 11.90 18.71 30.89
CA ASP B 176 10.78 18.94 31.80
C ASP B 176 9.46 18.50 31.16
N LYS B 177 9.50 17.41 30.41
CA LYS B 177 8.30 16.90 29.71
C LYS B 177 7.73 15.64 30.37
N PHE B 178 8.36 15.18 31.45
CA PHE B 178 7.85 14.02 32.16
C PHE B 178 6.82 14.46 33.22
N SER B 179 5.95 13.54 33.61
CA SER B 179 4.95 13.82 34.62
C SER B 179 4.75 12.59 35.48
N ILE B 180 4.77 12.75 36.80
CA ILE B 180 4.58 11.62 37.70
C ILE B 180 3.26 10.88 37.40
N ASN B 181 3.30 9.56 37.54
CA ASN B 181 2.14 8.70 37.32
C ASN B 181 1.54 8.90 35.92
N LYS B 182 2.38 9.20 34.93
CA LYS B 182 1.95 9.27 33.54
C LYS B 182 2.62 8.00 32.99
N TRP B 183 2.03 7.46 31.91
CA TRP B 183 2.52 6.23 31.28
C TRP B 183 3.29 6.53 29.98
N TYR B 184 4.47 5.92 29.86
CA TYR B 184 5.35 6.21 28.72
C TYR B 184 5.88 4.93 28.06
N TYR B 185 6.03 4.97 26.75
CA TYR B 185 6.71 3.89 26.03
C TYR B 185 8.22 4.18 25.96
N PHE B 186 9.03 3.32 26.59
CA PHE B 186 10.48 3.43 26.50
C PHE B 186 11.02 2.44 25.46
N ASN B 187 11.18 2.92 24.22
CA ASN B 187 11.53 2.03 23.11
C ASN B 187 13.02 1.90 22.81
N GLU B 188 13.50 0.67 22.72
CA GLU B 188 14.86 0.38 22.27
C GLU B 188 15.90 0.86 23.27
N PHE B 189 15.69 0.55 24.54
CA PHE B 189 16.62 0.94 25.58
C PHE B 189 17.61 -0.17 25.83
N VAL B 190 18.73 0.19 26.43
CA VAL B 190 19.80 -0.73 26.78
C VAL B 190 19.55 -1.26 28.19
N ARG B 191 20.00 -2.49 28.45
CA ARG B 191 19.90 -3.08 29.77
C ARG B 191 21.30 -3.21 30.36
N GLN B 192 21.70 -2.25 31.18
CA GLN B 192 23.00 -2.30 31.85
C GLN B 192 22.87 -2.93 33.22
N ILE B 193 23.97 -2.87 33.96
CA ILE B 193 24.00 -3.25 35.36
C ILE B 193 25.03 -2.39 36.12
N TYR B 194 24.68 -1.98 37.33
CA TYR B 194 25.53 -1.14 38.14
C TYR B 194 25.93 -1.81 39.45
N ASN B 195 24.96 -1.89 40.36
CA ASN B 195 25.14 -2.57 41.63
C ASN B 195 24.19 -3.75 41.76
N ASP B 196 24.50 -4.84 41.06
CA ASP B 196 23.68 -6.05 41.07
C ASP B 196 22.21 -5.76 40.73
N GLU B 197 21.98 -4.68 39.97
CA GLU B 197 20.62 -4.28 39.63
C GLU B 197 20.43 -3.89 38.17
N VAL B 198 19.22 -4.10 37.67
CA VAL B 198 18.86 -3.73 36.31
C VAL B 198 18.58 -2.23 36.22
N GLN B 199 19.36 -1.52 35.41
CA GLN B 199 19.04 -0.13 35.10
C GLN B 199 19.16 0.15 33.61
N LEU B 200 18.07 0.65 33.03
CA LEU B 200 18.04 1.00 31.61
C LEU B 200 18.76 2.30 31.29
N LYS B 201 19.40 2.34 30.13
CA LYS B 201 20.08 3.51 29.63
C LYS B 201 19.54 3.73 28.22
N ASN B 202 19.68 4.93 27.68
CA ASN B 202 19.30 5.12 26.28
C ASN B 202 20.54 5.17 25.40
N ASN B 203 20.36 4.90 24.12
CA ASN B 203 21.43 5.12 23.14
C ASN B 203 20.89 5.68 21.83
N ILE B 204 21.77 5.84 20.85
CA ILE B 204 21.42 6.50 19.61
C ILE B 204 20.09 6.02 19.00
N HIS B 205 19.65 4.80 19.34
CA HIS B 205 18.41 4.25 18.77
C HIS B 205 17.19 4.37 19.68
N SER B 206 17.40 4.83 20.91
CA SER B 206 16.32 4.89 21.87
C SER B 206 15.29 5.96 21.54
N SER B 207 14.03 5.69 21.87
CA SER B 207 12.98 6.70 21.74
C SER B 207 11.97 6.55 22.88
N ILE B 208 11.20 7.60 23.11
CA ILE B 208 10.20 7.60 24.17
C ILE B 208 8.88 8.15 23.63
N LYS B 209 7.78 7.48 23.96
CA LYS B 209 6.47 7.93 23.48
C LYS B 209 5.48 8.05 24.62
N GLU B 210 4.86 9.24 24.72
CA GLU B 210 3.82 9.51 25.70
C GLU B 210 2.59 8.70 25.35
N SER B 211 2.36 7.61 26.10
CA SER B 211 1.31 6.64 25.80
C SER B 211 0.02 7.24 25.19
N GLY C 1 -20.78 6.18 3.94
CA GLY C 1 -20.29 6.17 5.32
C GLY C 1 -19.20 7.20 5.55
N SER C 2 -18.89 7.44 6.83
CA SER C 2 -17.82 8.36 7.21
C SER C 2 -16.52 8.00 6.47
N LEU C 3 -15.76 9.01 6.05
CA LEU C 3 -14.47 8.73 5.43
C LEU C 3 -13.64 7.87 6.38
N SER C 4 -13.74 8.12 7.69
CA SER C 4 -13.07 7.30 8.70
C SER C 4 -13.41 5.83 8.48
N ASP C 5 -14.71 5.56 8.31
CA ASP C 5 -15.21 4.21 8.08
C ASP C 5 -14.68 3.65 6.76
N GLN C 6 -14.57 4.51 5.76
CA GLN C 6 -14.13 4.07 4.44
C GLN C 6 -12.62 3.83 4.37
N LEU C 7 -11.84 4.73 4.97
CA LEU C 7 -10.40 4.58 4.98
C LEU C 7 -9.95 3.36 5.77
N SER C 8 -10.83 2.85 6.62
CA SER C 8 -10.47 1.70 7.46
C SER C 8 -10.49 0.41 6.64
N LYS C 9 -11.25 0.42 5.55
CA LYS C 9 -11.33 -0.70 4.62
C LYS C 9 -9.96 -1.10 4.05
N GLN C 10 -9.72 -2.39 3.88
CA GLN C 10 -8.42 -2.83 3.41
C GLN C 10 -8.05 -2.27 2.04
N THR C 11 -6.81 -1.80 1.93
CA THR C 11 -6.23 -1.39 0.66
C THR C 11 -5.67 -2.60 -0.10
N LEU C 12 -5.97 -2.71 -1.39
CA LEU C 12 -5.54 -3.85 -2.18
C LEU C 12 -4.71 -3.40 -3.38
N LEU C 13 -3.75 -4.23 -3.79
CA LEU C 13 -3.01 -3.95 -5.01
C LEU C 13 -3.76 -4.54 -6.20
N ILE C 14 -3.36 -4.16 -7.40
CA ILE C 14 -3.94 -4.72 -8.61
C ILE C 14 -3.95 -6.25 -8.59
N SER C 15 -2.96 -6.82 -7.92
CA SER C 15 -2.77 -8.27 -7.92
C SER C 15 -3.66 -8.96 -6.89
N GLN C 16 -4.32 -8.17 -6.05
CA GLN C 16 -5.19 -8.72 -5.00
C GLN C 16 -6.65 -8.47 -5.32
N LEU C 17 -6.92 -7.68 -6.34
CA LEU C 17 -8.29 -7.42 -6.76
C LEU C 17 -8.95 -8.72 -7.15
N GLN C 18 -10.20 -8.89 -6.72
CA GLN C 18 -10.94 -10.10 -7.00
C GLN C 18 -12.39 -9.75 -7.38
N VAL C 19 -12.85 -10.30 -8.49
CA VAL C 19 -14.16 -9.91 -9.03
C VAL C 19 -15.33 -10.15 -8.06
N GLY C 20 -15.17 -11.11 -7.16
CA GLY C 20 -16.24 -11.47 -6.24
C GLY C 20 -16.23 -10.62 -4.98
N LYS C 21 -15.36 -9.62 -4.94
CA LYS C 21 -15.34 -8.69 -3.81
C LYS C 21 -16.45 -7.69 -3.99
N ASN C 22 -17.11 -7.32 -2.89
CA ASN C 22 -18.10 -6.26 -2.94
C ASN C 22 -17.41 -4.93 -3.23
N ARG C 23 -18.05 -4.08 -4.03
CA ARG C 23 -17.46 -2.81 -4.42
C ARG C 23 -17.04 -1.89 -3.27
N PHE C 24 -17.63 -2.03 -2.09
CA PHE C 24 -17.22 -1.21 -0.95
C PHE C 24 -16.44 -1.96 0.11
N SER C 25 -15.88 -3.12 -0.24
CA SER C 25 -15.24 -3.98 0.75
C SER C 25 -13.74 -3.72 0.84
N PHE C 26 -13.23 -2.88 -0.05
CA PHE C 26 -11.80 -2.56 -0.07
C PHE C 26 -11.64 -1.13 -0.57
N LYS C 27 -10.42 -0.62 -0.50
CA LYS C 27 -10.10 0.61 -1.22
C LYS C 27 -8.87 0.35 -2.06
N PHE C 28 -8.67 1.17 -3.08
CA PHE C 28 -7.55 0.98 -3.99
C PHE C 28 -6.74 2.26 -4.05
N GLU C 29 -5.44 2.16 -3.80
CA GLU C 29 -4.58 3.32 -3.93
C GLU C 29 -3.94 3.35 -5.30
N GLY C 30 -4.14 4.44 -6.02
CA GLY C 30 -3.60 4.53 -7.36
C GLY C 30 -2.94 5.87 -7.64
N ARG C 31 -1.97 5.86 -8.55
CA ARG C 31 -1.36 7.07 -9.02
C ARG C 31 -1.78 7.24 -10.47
N VAL C 32 -2.37 8.38 -10.80
CA VAL C 32 -2.82 8.62 -12.16
C VAL C 32 -1.63 8.82 -13.11
N VAL C 33 -1.44 7.89 -14.05
CA VAL C 33 -0.39 8.02 -15.08
C VAL C 33 -0.93 8.50 -16.42
N TYR C 34 -2.24 8.36 -16.64
CA TYR C 34 -2.88 8.80 -17.88
C TYR C 34 -4.35 9.09 -17.69
N LYS C 35 -4.84 10.16 -18.32
CA LYS C 35 -6.26 10.49 -18.24
C LYS C 35 -6.80 10.81 -19.61
N SER C 36 -7.76 10.00 -20.07
CA SER C 36 -8.40 10.18 -21.36
C SER C 36 -9.15 11.50 -21.43
N SER C 37 -9.69 11.82 -22.60
CA SER C 37 -10.64 12.93 -22.72
C SER C 37 -12.01 12.41 -22.30
N THR C 38 -12.96 13.31 -22.07
CA THR C 38 -14.34 12.90 -21.84
C THR C 38 -14.94 12.56 -23.19
N PHE C 39 -15.60 11.41 -23.27
CA PHE C 39 -16.31 11.04 -24.50
C PHE C 39 -17.81 11.25 -24.33
N GLN C 40 -18.45 11.83 -25.34
CA GLN C 40 -19.90 12.06 -25.26
C GLN C 40 -20.54 12.08 -26.64
N ASN C 41 -21.42 11.11 -26.90
CA ASN C 41 -22.16 11.08 -28.16
C ASN C 41 -23.65 10.93 -27.94
N GLN C 42 -24.09 11.28 -26.73
CA GLN C 42 -25.47 11.07 -26.31
C GLN C 42 -25.86 12.24 -25.40
N GLN C 43 -27.10 12.70 -25.55
CA GLN C 43 -27.58 13.83 -24.78
C GLN C 43 -27.19 13.74 -23.29
N ASP C 44 -26.96 12.53 -22.79
CA ASP C 44 -26.58 12.37 -21.39
C ASP C 44 -25.56 11.25 -21.04
N SER C 45 -25.12 10.48 -22.03
CA SER C 45 -24.11 9.45 -21.79
C SER C 45 -22.69 9.97 -22.00
N LYS C 46 -22.04 10.35 -20.89
CA LYS C 46 -20.71 10.94 -20.88
C LYS C 46 -19.78 10.09 -20.03
N TYR C 47 -18.54 9.87 -20.48
CA TYR C 47 -17.61 9.04 -19.73
C TYR C 47 -16.14 9.32 -20.03
N PHE C 48 -15.26 8.81 -19.17
CA PHE C 48 -13.82 8.88 -19.40
C PHE C 48 -13.12 7.77 -18.64
N PHE C 49 -11.81 7.63 -18.86
CA PHE C 49 -11.09 6.65 -18.06
C PHE C 49 -9.69 7.16 -17.73
N ILE C 50 -9.07 6.55 -16.74
CA ILE C 50 -7.70 6.86 -16.39
C ILE C 50 -6.93 5.59 -16.24
N THR C 51 -5.62 5.68 -16.36
CA THR C 51 -4.77 4.55 -16.09
C THR C 51 -4.07 4.82 -14.77
N ALA C 52 -4.20 3.90 -13.83
CA ALA C 52 -3.64 4.09 -12.51
C ALA C 52 -2.56 3.06 -12.23
N GLN C 53 -1.56 3.47 -11.46
CA GLN C 53 -0.42 2.63 -11.18
C GLN C 53 -0.44 2.29 -9.71
N ASP C 54 -0.13 1.05 -9.38
CA ASP C 54 -0.06 0.64 -7.97
C ASP C 54 1.40 0.46 -7.53
N ALA C 55 1.60 -0.04 -6.31
CA ALA C 55 2.93 -0.13 -5.71
C ALA C 55 3.85 -1.21 -6.31
N ASN C 56 3.34 -2.06 -7.19
CA ASN C 56 4.21 -3.00 -7.91
C ASN C 56 4.49 -2.47 -9.30
N ASN C 57 4.17 -1.19 -9.50
CA ASN C 57 4.29 -0.58 -10.81
C ASN C 57 3.37 -1.21 -11.86
N GLN C 58 2.44 -2.05 -11.41
CA GLN C 58 1.39 -2.53 -12.29
C GLN C 58 0.37 -1.42 -12.56
N GLU C 59 -0.33 -1.53 -13.69
CA GLU C 59 -1.27 -0.51 -14.12
C GLU C 59 -2.63 -1.10 -14.37
N ILE C 60 -3.66 -0.25 -14.30
CA ILE C 60 -5.02 -0.72 -14.42
C ILE C 60 -5.91 0.40 -14.89
N ASN C 61 -6.99 0.01 -15.58
CA ASN C 61 -7.89 0.94 -16.20
C ASN C 61 -9.04 1.23 -15.23
N LEU C 62 -9.41 2.49 -15.09
CA LEU C 62 -10.52 2.89 -14.26
C LEU C 62 -11.48 3.68 -15.11
N SER C 63 -12.71 3.19 -15.24
CA SER C 63 -13.71 3.88 -16.07
C SER C 63 -14.73 4.62 -15.20
N PHE C 64 -15.13 5.80 -15.64
CA PHE C 64 -16.07 6.60 -14.88
C PHE C 64 -17.28 6.88 -15.75
N TRP C 65 -18.45 6.51 -15.24
CA TRP C 65 -19.67 6.50 -16.03
C TRP C 65 -20.73 7.36 -15.42
N GLN C 66 -20.42 7.93 -14.26
CA GLN C 66 -21.37 8.73 -13.52
C GLN C 66 -20.58 9.70 -12.66
N LYS C 67 -21.20 10.81 -12.28
CA LYS C 67 -20.49 11.91 -11.63
C LYS C 67 -19.20 12.23 -12.35
N VAL C 68 -19.22 12.16 -13.68
CA VAL C 68 -17.98 12.34 -14.46
C VAL C 68 -17.45 13.78 -14.47
N ASP C 69 -18.33 14.77 -14.59
CA ASP C 69 -17.85 16.14 -14.58
C ASP C 69 -17.05 16.41 -13.32
N GLN C 70 -17.59 16.04 -12.16
CA GLN C 70 -16.88 16.28 -10.91
C GLN C 70 -15.57 15.49 -10.88
N SER C 71 -15.65 14.20 -11.14
CA SER C 71 -14.49 13.33 -11.10
C SER C 71 -13.39 13.75 -12.07
N TYR C 72 -13.78 14.13 -13.27
CA TYR C 72 -12.80 14.55 -14.24
C TYR C 72 -12.03 15.76 -13.71
N GLN C 73 -12.71 16.56 -12.87
CA GLN C 73 -12.10 17.75 -12.32
C GLN C 73 -11.20 17.49 -11.12
N THR C 74 -11.43 16.41 -10.37
CA THR C 74 -10.57 16.16 -9.22
C THR C 74 -9.34 15.32 -9.56
N LEU C 75 -9.43 14.51 -10.62
CA LEU C 75 -8.34 13.62 -10.99
C LEU C 75 -7.31 14.29 -11.88
N LYS C 76 -6.04 14.24 -11.47
CA LYS C 76 -4.96 14.92 -12.18
C LYS C 76 -3.75 14.00 -12.31
N VAL C 77 -3.19 13.94 -13.52
CA VAL C 77 -2.04 13.07 -13.77
C VAL C 77 -0.95 13.38 -12.74
N GLY C 78 -0.24 12.35 -12.30
CA GLY C 78 0.83 12.54 -11.33
C GLY C 78 0.43 12.44 -9.87
N GLN C 79 -0.85 12.62 -9.56
CA GLN C 79 -1.32 12.56 -8.18
C GLN C 79 -1.74 11.16 -7.70
N TYR C 80 -1.83 11.01 -6.38
CA TYR C 80 -2.17 9.75 -5.73
C TYR C 80 -3.54 9.85 -5.07
N TYR C 81 -4.36 8.81 -5.22
CA TYR C 81 -5.67 8.80 -4.58
C TYR C 81 -6.07 7.46 -4.02
N TYR C 82 -7.03 7.49 -3.10
CA TYR C 82 -7.79 6.31 -2.78
C TYR C 82 -9.06 6.33 -3.64
N PHE C 83 -9.40 5.20 -4.23
CA PHE C 83 -10.67 5.04 -4.93
C PHE C 83 -11.52 4.00 -4.22
N ILE C 84 -12.73 4.38 -3.83
CA ILE C 84 -13.61 3.47 -3.10
C ILE C 84 -14.95 3.34 -3.81
N GLY C 85 -15.47 2.12 -3.89
CA GLY C 85 -16.79 1.91 -4.46
C GLY C 85 -16.83 1.46 -5.92
N GLY C 86 -15.67 1.10 -6.47
CA GLY C 86 -15.63 0.69 -7.86
C GLY C 86 -15.76 -0.81 -7.99
N GLU C 87 -16.49 -1.26 -9.01
CA GLU C 87 -16.67 -2.70 -9.19
C GLU C 87 -15.50 -3.29 -9.94
N VAL C 88 -14.83 -4.28 -9.33
CA VAL C 88 -13.82 -5.03 -10.05
C VAL C 88 -14.52 -5.82 -11.15
N LYS C 89 -14.16 -5.57 -12.40
CA LYS C 89 -14.79 -6.27 -13.50
C LYS C 89 -13.78 -6.62 -14.58
N GLN C 90 -13.99 -7.75 -15.24
CA GLN C 90 -13.12 -8.18 -16.32
C GLN C 90 -13.24 -7.29 -17.56
N PHE C 91 -12.11 -6.74 -17.99
CA PHE C 91 -12.09 -5.77 -19.08
C PHE C 91 -11.98 -6.50 -20.41
N LYS C 92 -10.74 -6.75 -20.83
CA LYS C 92 -10.52 -7.61 -21.98
C LYS C 92 -9.74 -8.82 -21.51
N ASN C 93 -8.43 -8.67 -21.41
CA ASN C 93 -7.59 -9.74 -20.90
C ASN C 93 -7.36 -9.56 -19.41
N ASN C 94 -7.63 -8.35 -18.94
CA ASN C 94 -7.28 -7.96 -17.58
C ASN C 94 -8.50 -7.60 -16.75
N LEU C 95 -8.26 -7.14 -15.52
CA LEU C 95 -9.30 -6.55 -14.70
C LEU C 95 -9.29 -5.03 -14.83
N GLU C 96 -10.46 -4.41 -14.63
CA GLU C 96 -10.55 -2.96 -14.54
C GLU C 96 -11.37 -2.63 -13.30
N LEU C 97 -11.30 -1.39 -12.87
CA LEU C 97 -12.17 -0.88 -11.84
C LEU C 97 -13.23 0.00 -12.52
N LYS C 98 -14.48 -0.19 -12.16
CA LYS C 98 -15.57 0.45 -12.89
C LYS C 98 -16.49 1.22 -11.93
N PHE C 99 -16.62 2.52 -12.21
CA PHE C 99 -17.32 3.44 -11.34
C PHE C 99 -18.59 3.94 -12.02
N LYS C 100 -19.72 3.39 -11.58
CA LYS C 100 -20.98 3.55 -12.30
C LYS C 100 -22.17 3.92 -11.42
N PHE C 101 -21.92 4.36 -10.18
CA PHE C 101 -23.02 4.51 -9.23
C PHE C 101 -23.30 5.91 -8.67
N GLY C 102 -22.31 6.79 -8.68
CA GLY C 102 -22.55 8.08 -8.05
C GLY C 102 -22.46 7.95 -6.54
N ASP C 103 -22.09 6.75 -6.11
CA ASP C 103 -21.88 6.41 -4.73
C ASP C 103 -20.40 6.50 -4.40
N TYR C 104 -19.56 6.37 -5.43
CA TYR C 104 -18.12 6.18 -5.22
C TYR C 104 -17.41 7.43 -4.69
N GLN C 105 -16.22 7.19 -4.14
CA GLN C 105 -15.43 8.24 -3.52
C GLN C 105 -14.02 8.29 -4.12
N ILE C 106 -13.59 9.50 -4.49
CA ILE C 106 -12.20 9.72 -4.86
C ILE C 106 -11.56 10.60 -3.79
N ILE C 107 -10.61 10.04 -3.07
CA ILE C 107 -10.02 10.73 -1.93
C ILE C 107 -8.57 11.03 -2.24
N PRO C 108 -8.23 12.32 -2.38
CA PRO C 108 -6.83 12.70 -2.60
C PRO C 108 -5.99 12.25 -1.42
N LYS C 109 -4.86 11.59 -1.67
CA LYS C 109 -4.11 11.02 -0.55
C LYS C 109 -3.39 12.11 0.23
N GLU C 110 -2.79 13.07 -0.48
CA GLU C 110 -2.30 14.24 0.20
C GLU C 110 -3.53 14.94 0.79
N THR C 111 -3.33 15.89 1.69
CA THR C 111 -4.48 16.61 2.30
C THR C 111 -5.43 15.70 3.09
N LEU C 112 -4.96 14.49 3.40
CA LEU C 112 -5.79 13.48 4.04
C LEU C 112 -6.31 13.80 5.44
N GLY C 113 -5.43 14.23 6.34
CA GLY C 113 -5.87 14.58 7.68
C GLY C 113 -5.86 16.07 7.95
N GLY C 114 -6.23 16.86 6.95
CA GLY C 114 -6.11 18.31 7.05
C GLY C 114 -7.42 19.08 7.07
N SER C 115 -7.32 20.37 7.39
CA SER C 115 -8.47 21.27 7.40
C SER C 115 -8.88 21.64 5.98
N GLY C 116 -9.57 20.70 5.32
CA GLY C 116 -9.94 20.88 3.93
C GLY C 116 -11.08 21.86 3.73
N GLY C 117 -12.30 21.32 3.72
CA GLY C 117 -13.51 22.11 3.71
C GLY C 117 -13.78 22.74 5.05
N SER C 118 -12.74 23.36 5.63
CA SER C 118 -12.88 24.16 6.82
C SER C 118 -13.59 25.46 6.45
N THR C 119 -14.91 25.38 6.25
CA THR C 119 -15.70 26.54 5.86
C THR C 119 -15.79 27.58 6.97
N LEU C 120 -15.25 28.77 6.70
CA LEU C 120 -15.27 29.87 7.64
C LEU C 120 -16.07 31.06 7.08
N LEU C 121 -16.13 32.15 7.85
CA LEU C 121 -16.68 33.40 7.33
C LEU C 121 -15.52 34.36 7.13
N ILE C 122 -15.65 35.28 6.17
CA ILE C 122 -14.56 36.20 5.85
C ILE C 122 -14.02 36.85 7.13
N SER C 123 -14.91 37.10 8.07
CA SER C 123 -14.56 37.64 9.38
C SER C 123 -13.57 36.70 10.08
N GLU C 124 -13.91 35.41 10.11
CA GLU C 124 -13.02 34.39 10.64
C GLU C 124 -11.69 34.40 9.89
N VAL C 125 -11.76 34.31 8.57
CA VAL C 125 -10.57 34.28 7.72
C VAL C 125 -9.58 35.41 8.01
N LEU C 126 -10.10 36.55 8.44
CA LEU C 126 -9.26 37.65 8.88
C LEU C 126 -8.25 37.17 9.93
N LYS C 127 -8.78 36.48 10.94
CA LYS C 127 -7.98 36.12 12.12
C LYS C 127 -7.16 34.84 11.92
N THR C 128 -7.83 33.78 11.46
CA THR C 128 -7.22 32.45 11.39
C THR C 128 -5.77 32.51 10.88
N SER C 129 -4.93 31.63 11.39
CA SER C 129 -3.53 31.62 11.03
C SER C 129 -3.23 30.48 10.07
N LYS C 130 -4.21 29.57 9.95
CA LYS C 130 -4.08 28.40 9.06
C LYS C 130 -3.79 28.79 7.61
N GLN C 131 -3.30 27.82 6.84
CA GLN C 131 -2.85 28.11 5.49
C GLN C 131 -3.81 27.59 4.42
N TYR C 132 -4.80 26.78 4.82
CA TYR C 132 -5.72 26.20 3.87
C TYR C 132 -7.12 26.20 4.45
N LEU C 133 -8.04 26.86 3.77
CA LEU C 133 -9.37 27.02 4.30
C LEU C 133 -10.36 27.10 3.17
N SER C 134 -11.62 27.38 3.50
CA SER C 134 -12.67 27.44 2.50
C SER C 134 -13.76 28.40 2.95
N VAL C 135 -14.27 29.20 2.03
CA VAL C 135 -15.27 30.19 2.36
C VAL C 135 -16.48 30.10 1.45
N LEU C 136 -17.66 30.25 2.04
CA LEU C 136 -18.86 30.47 1.24
C LEU C 136 -19.02 31.99 1.15
N ALA C 137 -19.03 32.52 -0.07
CA ALA C 137 -19.13 33.97 -0.24
C ALA C 137 -19.79 34.34 -1.56
N GLN C 138 -20.07 35.64 -1.70
CA GLN C 138 -20.62 36.18 -2.94
C GLN C 138 -19.59 37.08 -3.61
N VAL C 139 -19.58 37.05 -4.94
CA VAL C 139 -18.61 37.81 -5.71
C VAL C 139 -19.10 39.24 -5.91
N VAL C 140 -18.23 40.22 -5.69
CA VAL C 140 -18.62 41.61 -5.87
C VAL C 140 -17.71 42.39 -6.83
N ASP C 141 -16.69 41.72 -7.37
CA ASP C 141 -15.78 42.36 -8.33
C ASP C 141 -15.03 41.31 -9.14
N ILE C 142 -15.09 41.41 -10.46
CA ILE C 142 -14.48 40.43 -11.35
C ILE C 142 -13.48 41.04 -12.32
N GLN C 143 -12.21 40.65 -12.19
CA GLN C 143 -11.20 41.05 -13.16
C GLN C 143 -10.69 39.82 -13.91
N SER C 144 -11.24 39.59 -15.09
CA SER C 144 -10.97 38.37 -15.82
C SER C 144 -9.93 38.62 -16.90
N SER C 145 -8.91 37.76 -16.95
CA SER C 145 -7.85 37.85 -17.94
C SER C 145 -7.68 36.51 -18.61
N ASP C 146 -6.88 36.49 -19.67
CA ASP C 146 -6.40 35.22 -20.21
C ASP C 146 -5.39 34.64 -19.21
N LYS C 147 -5.73 33.50 -18.64
CA LYS C 147 -4.84 32.86 -17.66
C LYS C 147 -4.87 33.22 -16.16
N ASN C 148 -5.63 34.26 -15.82
CA ASN C 148 -5.84 34.68 -14.43
C ASN C 148 -7.14 35.44 -14.14
N ILE C 149 -7.78 35.13 -13.02
CA ILE C 149 -8.96 35.87 -12.57
C ILE C 149 -8.76 36.46 -11.19
N ARG C 150 -9.12 37.73 -11.01
CA ARG C 150 -9.14 38.32 -9.68
C ARG C 150 -10.58 38.60 -9.24
N LEU C 151 -10.87 38.29 -7.99
CA LEU C 151 -12.19 38.55 -7.44
C LEU C 151 -12.05 39.37 -6.17
N LYS C 152 -13.17 39.96 -5.76
CA LYS C 152 -13.33 40.48 -4.42
C LYS C 152 -14.58 39.81 -3.90
N ILE C 153 -14.50 39.23 -2.71
CA ILE C 153 -15.65 38.54 -2.13
C ILE C 153 -16.01 39.10 -0.75
N CYS C 154 -17.27 38.98 -0.38
CA CYS C 154 -17.74 39.50 0.90
C CYS C 154 -18.85 38.64 1.47
N ASP C 155 -19.10 38.81 2.77
CA ASP C 155 -20.17 38.08 3.45
C ASP C 155 -21.13 38.97 4.22
N ASN C 156 -22.00 38.32 5.00
CA ASN C 156 -22.92 39.01 5.88
C ASN C 156 -22.43 38.97 7.32
N SER C 157 -21.21 38.45 7.51
CA SER C 157 -20.61 38.37 8.84
C SER C 157 -19.55 39.45 9.07
N CYS C 158 -18.92 39.90 7.99
CA CYS C 158 -18.00 41.04 8.06
C CYS C 158 -18.38 42.06 6.98
N ASN C 159 -17.70 43.21 6.99
CA ASN C 159 -18.01 44.29 6.07
C ASN C 159 -17.03 44.38 4.89
N GLN C 160 -15.80 43.95 5.13
CA GLN C 160 -14.74 44.13 4.13
C GLN C 160 -14.69 43.08 3.03
N GLU C 161 -14.10 43.48 1.91
CA GLU C 161 -14.00 42.64 0.73
C GLU C 161 -12.70 41.86 0.78
N LEU C 162 -12.79 40.57 0.44
CA LEU C 162 -11.63 39.68 0.40
C LEU C 162 -11.14 39.52 -1.04
N LYS C 163 -9.82 39.59 -1.22
CA LYS C 163 -9.21 39.52 -2.53
C LYS C 163 -8.77 38.09 -2.91
N VAL C 164 -9.42 37.50 -3.91
CA VAL C 164 -9.14 36.13 -4.34
C VAL C 164 -8.44 36.13 -5.69
N VAL C 165 -7.34 35.39 -5.85
CA VAL C 165 -6.69 35.31 -7.15
C VAL C 165 -6.73 33.88 -7.65
N ILE C 166 -7.24 33.66 -8.86
CA ILE C 166 -7.38 32.31 -9.40
C ILE C 166 -6.44 32.05 -10.59
N PHE C 167 -5.67 30.97 -10.51
CA PHE C 167 -4.64 30.72 -11.52
C PHE C 167 -4.95 29.61 -12.52
N PRO C 168 -4.19 29.59 -13.63
CA PRO C 168 -4.44 28.70 -14.76
C PRO C 168 -4.70 27.26 -14.37
N ASP C 169 -5.54 26.66 -15.23
CA ASP C 169 -6.19 25.38 -15.01
C ASP C 169 -7.57 25.62 -14.42
N LEU C 170 -7.61 26.26 -13.25
CA LEU C 170 -8.87 26.53 -12.59
C LEU C 170 -9.60 27.73 -13.20
N CYS C 171 -8.86 28.76 -13.60
CA CYS C 171 -9.50 29.93 -14.21
C CYS C 171 -10.17 29.64 -15.55
N TYR C 172 -9.65 28.68 -16.31
CA TYR C 172 -10.27 28.29 -17.58
C TYR C 172 -11.68 27.79 -17.34
N GLU C 173 -11.84 26.95 -16.32
CA GLU C 173 -13.17 26.48 -15.93
C GLU C 173 -14.10 27.65 -15.63
N TRP C 174 -13.54 28.82 -15.38
CA TRP C 174 -14.33 29.92 -14.81
C TRP C 174 -14.19 31.26 -15.52
N ARG C 175 -13.64 31.26 -16.74
CA ARG C 175 -13.37 32.53 -17.42
C ARG C 175 -14.54 33.50 -17.39
N ASP C 176 -15.72 33.00 -17.75
CA ASP C 176 -16.92 33.84 -17.80
C ASP C 176 -18.07 33.17 -17.07
N LYS C 177 -17.75 32.35 -16.06
CA LYS C 177 -18.75 31.55 -15.37
C LYS C 177 -19.12 32.21 -14.03
N PHE C 178 -18.59 33.39 -13.76
CA PHE C 178 -18.88 34.09 -12.52
C PHE C 178 -19.95 35.16 -12.72
N SER C 179 -20.80 35.34 -11.71
CA SER C 179 -21.87 36.34 -11.78
C SER C 179 -21.81 37.24 -10.56
N ILE C 180 -21.93 38.55 -10.77
CA ILE C 180 -21.87 39.48 -9.65
C ILE C 180 -22.97 39.18 -8.62
N ASN C 181 -22.58 39.24 -7.34
CA ASN C 181 -23.52 39.04 -6.24
C ASN C 181 -24.19 37.66 -6.20
N LYS C 182 -23.64 36.72 -6.98
CA LYS C 182 -24.03 35.32 -6.84
C LYS C 182 -23.14 34.66 -5.78
N TRP C 183 -23.51 33.46 -5.36
CA TRP C 183 -22.83 32.83 -4.21
C TRP C 183 -22.02 31.59 -4.59
N TYR C 184 -20.83 31.48 -4.01
CA TYR C 184 -19.88 30.43 -4.37
C TYR C 184 -19.13 29.87 -3.16
N TYR C 185 -18.99 28.55 -3.11
CA TYR C 185 -18.09 27.92 -2.17
C TYR C 185 -16.68 27.91 -2.77
N PHE C 186 -15.72 28.53 -2.07
CA PHE C 186 -14.32 28.50 -2.50
C PHE C 186 -13.54 27.48 -1.68
N ASN C 187 -13.42 26.26 -2.21
CA ASN C 187 -12.87 25.14 -1.44
C ASN C 187 -11.36 24.96 -1.50
N GLU C 188 -10.73 24.82 -0.34
CA GLU C 188 -9.33 24.44 -0.24
C GLU C 188 -8.41 25.46 -0.87
N PHE C 189 -8.64 26.73 -0.56
CA PHE C 189 -7.79 27.77 -1.08
C PHE C 189 -6.61 28.01 -0.16
N VAL C 190 -5.61 28.72 -0.69
CA VAL C 190 -4.41 29.04 0.06
C VAL C 190 -4.56 30.45 0.63
N ARG C 191 -4.27 30.61 1.91
CA ARG C 191 -4.41 31.90 2.59
C ARG C 191 -3.07 32.62 2.69
N GLN C 192 -2.59 33.11 1.56
CA GLN C 192 -1.32 33.82 1.48
C GLN C 192 -1.47 35.32 1.80
N ILE C 193 -0.36 35.97 2.13
CA ILE C 193 -0.39 37.40 2.43
C ILE C 193 0.42 38.20 1.43
N TYR C 194 -0.02 39.43 1.19
CA TYR C 194 0.72 40.34 0.33
C TYR C 194 0.21 41.75 0.56
N ASN C 195 1.13 42.67 0.80
CA ASN C 195 0.80 44.07 1.06
C ASN C 195 0.02 44.25 2.36
N ASP C 196 0.36 43.46 3.37
CA ASP C 196 -0.31 43.50 4.67
C ASP C 196 -1.78 43.14 4.57
N GLU C 197 -2.21 42.85 3.35
CA GLU C 197 -3.59 42.46 3.06
C GLU C 197 -3.63 41.00 2.65
N VAL C 198 -4.29 40.19 3.47
CA VAL C 198 -4.44 38.76 3.19
C VAL C 198 -5.30 38.52 1.94
N GLN C 199 -4.82 37.64 1.07
CA GLN C 199 -5.57 37.29 -0.14
C GLN C 199 -5.50 35.78 -0.45
N LEU C 200 -6.67 35.19 -0.69
CA LEU C 200 -6.74 33.79 -1.09
C LEU C 200 -6.25 33.56 -2.52
N LYS C 201 -5.70 32.38 -2.76
CA LYS C 201 -5.34 31.96 -4.10
C LYS C 201 -5.54 30.46 -4.22
N ASN C 202 -5.74 29.96 -5.42
CA ASN C 202 -5.95 28.51 -5.61
C ASN C 202 -4.63 27.77 -5.76
N ASN C 203 -4.67 26.46 -5.51
CA ASN C 203 -3.62 25.55 -5.97
C ASN C 203 -4.24 24.26 -6.47
N ILE C 204 -3.42 23.24 -6.70
CA ILE C 204 -3.86 22.04 -7.38
C ILE C 204 -5.03 21.33 -6.69
N HIS C 205 -5.30 21.66 -5.43
CA HIS C 205 -6.39 21.02 -4.68
C HIS C 205 -7.66 21.87 -4.61
N SER C 206 -7.52 23.17 -4.86
CA SER C 206 -8.64 24.10 -4.78
C SER C 206 -9.80 23.67 -5.66
N SER C 207 -11.01 24.08 -5.28
CA SER C 207 -12.19 23.85 -6.12
C SER C 207 -13.23 24.93 -5.85
N ILE C 208 -14.22 25.02 -6.72
CA ILE C 208 -15.26 26.03 -6.59
C ILE C 208 -16.63 25.45 -6.93
N LYS C 209 -17.65 25.84 -6.16
CA LYS C 209 -19.02 25.40 -6.42
C LYS C 209 -20.02 26.48 -6.01
N GLU C 210 -21.00 26.72 -6.88
CA GLU C 210 -22.03 27.71 -6.61
C GLU C 210 -22.91 27.26 -5.45
N SER C 211 -23.19 28.19 -4.53
CA SER C 211 -24.08 27.91 -3.41
C SER C 211 -25.41 27.28 -3.86
N SER D 2 -43.52 6.26 -2.23
CA SER D 2 -42.81 7.49 -2.58
C SER D 2 -41.31 7.24 -2.73
N LEU D 3 -40.86 7.01 -3.96
CA LEU D 3 -39.45 6.67 -4.23
C LEU D 3 -38.46 7.44 -3.37
N SER D 4 -38.47 8.77 -3.49
CA SER D 4 -37.50 9.60 -2.78
C SER D 4 -37.59 9.42 -1.27
N ASP D 5 -38.78 9.10 -0.77
CA ASP D 5 -38.98 8.82 0.65
C ASP D 5 -38.45 7.44 1.04
N GLN D 6 -38.61 6.48 0.13
CA GLN D 6 -38.05 5.16 0.35
C GLN D 6 -36.53 5.26 0.43
N LEU D 7 -35.94 5.97 -0.53
CA LEU D 7 -34.48 6.08 -0.63
C LEU D 7 -33.83 6.81 0.54
N SER D 8 -34.60 7.67 1.21
CA SER D 8 -34.06 8.47 2.30
C SER D 8 -33.86 7.64 3.56
N LYS D 9 -34.65 6.57 3.69
CA LYS D 9 -34.50 5.59 4.76
C LYS D 9 -33.03 5.17 4.94
N GLN D 10 -32.61 4.97 6.18
CA GLN D 10 -31.22 4.62 6.44
C GLN D 10 -30.84 3.26 5.87
N THR D 11 -29.75 3.24 5.12
CA THR D 11 -29.13 2.01 4.62
C THR D 11 -28.40 1.27 5.75
N LEU D 12 -28.58 -0.04 5.82
CA LEU D 12 -28.00 -0.83 6.91
C LEU D 12 -27.23 -2.01 6.36
N LEU D 13 -26.10 -2.33 6.99
CA LEU D 13 -25.36 -3.53 6.62
C LEU D 13 -25.99 -4.73 7.34
N ILE D 14 -25.62 -5.93 6.92
CA ILE D 14 -26.07 -7.14 7.59
C ILE D 14 -25.78 -7.10 9.11
N SER D 15 -24.66 -6.51 9.47
CA SER D 15 -24.26 -6.49 10.88
C SER D 15 -25.09 -5.50 11.68
N GLN D 16 -25.96 -4.75 11.01
CA GLN D 16 -26.74 -3.72 11.67
C GLN D 16 -28.23 -4.08 11.76
N LEU D 17 -28.65 -5.04 10.97
CA LEU D 17 -30.04 -5.46 10.96
C LEU D 17 -30.43 -5.95 12.34
N GLN D 18 -31.65 -5.63 12.75
CA GLN D 18 -32.23 -6.18 13.99
C GLN D 18 -33.68 -6.60 13.76
N VAL D 19 -34.10 -7.65 14.44
CA VAL D 19 -35.48 -8.13 14.31
C VAL D 19 -36.50 -7.06 14.73
N GLY D 20 -36.12 -6.22 15.69
CA GLY D 20 -37.01 -5.22 16.25
C GLY D 20 -37.32 -4.06 15.32
N LYS D 21 -36.54 -3.92 14.26
CA LYS D 21 -36.75 -2.82 13.34
C LYS D 21 -37.97 -3.04 12.45
N ASN D 22 -38.72 -1.97 12.21
CA ASN D 22 -39.85 -2.04 11.29
C ASN D 22 -39.39 -2.31 9.86
N ARG D 23 -40.09 -3.23 9.20
CA ARG D 23 -39.76 -3.61 7.82
C ARG D 23 -39.56 -2.43 6.85
N PHE D 24 -40.14 -1.27 7.14
CA PHE D 24 -39.94 -0.11 6.26
C PHE D 24 -39.07 1.00 6.86
N SER D 25 -38.40 0.70 7.96
CA SER D 25 -37.61 1.72 8.66
C SER D 25 -36.18 1.83 8.13
N PHE D 26 -35.84 0.95 7.20
CA PHE D 26 -34.50 0.95 6.63
C PHE D 26 -34.55 0.48 5.18
N LYS D 27 -33.42 0.66 4.48
CA LYS D 27 -33.21 -0.01 3.20
C LYS D 27 -31.89 -0.79 3.26
N PHE D 28 -31.82 -1.84 2.48
CA PHE D 28 -30.65 -2.70 2.52
C PHE D 28 -30.04 -2.74 1.13
N GLU D 29 -28.74 -2.49 1.05
CA GLU D 29 -28.07 -2.57 -0.24
C GLU D 29 -27.37 -3.92 -0.38
N GLY D 30 -27.65 -4.61 -1.48
CA GLY D 30 -27.07 -5.92 -1.65
C GLY D 30 -26.72 -6.25 -3.09
N ARG D 31 -25.68 -7.04 -3.25
CA ARG D 31 -25.27 -7.53 -4.54
C ARG D 31 -25.71 -9.00 -4.65
N VAL D 32 -26.42 -9.33 -5.71
CA VAL D 32 -26.86 -10.70 -5.89
C VAL D 32 -25.68 -11.60 -6.29
N VAL D 33 -25.29 -12.50 -5.40
CA VAL D 33 -24.26 -13.51 -5.70
C VAL D 33 -24.86 -14.87 -6.02
N TYR D 34 -26.12 -15.09 -5.64
CA TYR D 34 -26.80 -16.35 -5.97
C TYR D 34 -28.31 -16.20 -6.08
N LYS D 35 -28.90 -16.91 -7.02
CA LYS D 35 -30.35 -16.88 -7.17
C LYS D 35 -30.89 -18.26 -7.44
N SER D 36 -31.79 -18.72 -6.56
CA SER D 36 -32.35 -20.05 -6.64
C SER D 36 -33.30 -20.17 -7.81
N SER D 37 -33.86 -21.37 -7.97
CA SER D 37 -34.98 -21.57 -8.90
C SER D 37 -36.23 -21.09 -8.20
N THR D 38 -37.30 -20.86 -8.97
CA THR D 38 -38.62 -20.73 -8.39
C THR D 38 -39.12 -22.12 -7.98
N PHE D 39 -39.61 -22.25 -6.76
CA PHE D 39 -40.22 -23.51 -6.30
C PHE D 39 -41.75 -23.41 -6.31
N GLN D 40 -42.42 -24.47 -6.69
CA GLN D 40 -43.89 -24.44 -6.72
C GLN D 40 -44.52 -25.80 -6.43
N ASN D 41 -45.03 -25.95 -5.21
CA ASN D 41 -45.72 -27.15 -4.75
C ASN D 41 -47.23 -27.05 -4.96
N GLN D 42 -47.75 -25.83 -4.90
CA GLN D 42 -49.17 -25.60 -4.80
C GLN D 42 -49.67 -24.71 -5.91
N GLN D 43 -50.98 -24.71 -6.13
CA GLN D 43 -51.61 -23.90 -7.18
C GLN D 43 -51.12 -22.45 -7.19
N ASP D 44 -50.86 -21.88 -6.01
CA ASP D 44 -50.30 -20.52 -5.97
C ASP D 44 -49.35 -20.23 -4.79
N SER D 45 -48.62 -21.25 -4.36
CA SER D 45 -47.52 -21.06 -3.41
C SER D 45 -46.18 -21.13 -4.16
N LYS D 46 -45.83 -20.03 -4.81
CA LYS D 46 -44.56 -19.92 -5.52
C LYS D 46 -43.55 -19.08 -4.74
N TYR D 47 -42.31 -19.55 -4.64
CA TYR D 47 -41.28 -18.82 -3.92
C TYR D 47 -39.86 -19.00 -4.48
N PHE D 48 -38.94 -18.14 -4.05
CA PHE D 48 -37.51 -18.30 -4.37
C PHE D 48 -36.67 -17.50 -3.42
N PHE D 49 -35.36 -17.64 -3.51
CA PHE D 49 -34.51 -16.84 -2.65
C PHE D 49 -33.20 -16.48 -3.34
N ILE D 50 -32.49 -15.52 -2.77
CA ILE D 50 -31.21 -15.12 -3.31
C ILE D 50 -30.24 -14.96 -2.16
N THR D 51 -28.96 -15.05 -2.48
CA THR D 51 -27.93 -14.70 -1.53
C THR D 51 -27.39 -13.34 -1.94
N ALA D 52 -27.29 -12.42 -0.99
CA ALA D 52 -26.90 -11.06 -1.30
C ALA D 52 -25.71 -10.71 -0.43
N GLN D 53 -24.80 -9.94 -1.01
CA GLN D 53 -23.55 -9.62 -0.37
C GLN D 53 -23.60 -8.15 0.00
N ASP D 54 -23.05 -7.82 1.16
CA ASP D 54 -23.02 -6.43 1.59
C ASP D 54 -21.58 -5.89 1.54
N ALA D 55 -21.39 -4.68 2.05
CA ALA D 55 -20.11 -3.98 1.94
C ALA D 55 -18.99 -4.54 2.83
N ASN D 56 -19.27 -5.57 3.62
CA ASN D 56 -18.21 -6.25 4.36
C ASN D 56 -17.98 -7.65 3.81
N ASN D 57 -18.53 -7.90 2.62
CA ASN D 57 -18.49 -9.23 2.02
C ASN D 57 -19.26 -10.30 2.81
N GLN D 58 -20.00 -9.88 3.84
CA GLN D 58 -20.94 -10.79 4.47
C GLN D 58 -22.08 -11.06 3.49
N GLU D 59 -22.70 -12.23 3.64
CA GLU D 59 -23.79 -12.66 2.78
C GLU D 59 -25.03 -12.92 3.62
N ILE D 60 -26.19 -12.82 2.99
CA ILE D 60 -27.45 -13.00 3.70
C ILE D 60 -28.49 -13.54 2.74
N ASN D 61 -29.44 -14.28 3.30
CA ASN D 61 -30.49 -14.92 2.52
C ASN D 61 -31.74 -14.03 2.44
N LEU D 62 -32.22 -13.78 1.23
CA LEU D 62 -33.48 -13.09 1.04
C LEU D 62 -34.49 -14.03 0.41
N SER D 63 -35.68 -14.13 1.01
CA SER D 63 -36.75 -14.98 0.49
C SER D 63 -37.89 -14.15 -0.07
N PHE D 64 -38.53 -14.64 -1.12
CA PHE D 64 -39.62 -13.89 -1.75
C PHE D 64 -40.81 -14.80 -1.85
N TRP D 65 -41.94 -14.31 -1.34
CA TRP D 65 -43.13 -15.12 -1.18
C TRP D 65 -44.31 -14.46 -1.82
N GLN D 66 -44.10 -13.24 -2.31
CA GLN D 66 -45.15 -12.51 -3.01
C GLN D 66 -44.51 -11.73 -4.14
N LYS D 67 -45.31 -11.37 -5.15
CA LYS D 67 -44.80 -10.72 -6.34
C LYS D 67 -43.57 -11.46 -6.88
N VAL D 68 -43.61 -12.79 -6.83
CA VAL D 68 -42.45 -13.60 -7.22
C VAL D 68 -42.07 -13.43 -8.70
N ASP D 69 -43.03 -13.60 -9.60
CA ASP D 69 -42.66 -13.58 -11.02
C ASP D 69 -41.99 -12.25 -11.40
N GLN D 70 -42.57 -11.13 -10.96
CA GLN D 70 -42.01 -9.83 -11.24
C GLN D 70 -40.59 -9.67 -10.65
N SER D 71 -40.45 -10.06 -9.37
CA SER D 71 -39.17 -9.95 -8.69
C SER D 71 -38.12 -10.89 -9.25
N TYR D 72 -38.55 -12.06 -9.72
CA TYR D 72 -37.62 -13.01 -10.26
C TYR D 72 -36.99 -12.47 -11.55
N GLN D 73 -37.78 -11.71 -12.30
CA GLN D 73 -37.31 -11.11 -13.54
C GLN D 73 -36.41 -9.90 -13.30
N THR D 74 -36.63 -9.20 -12.20
CA THR D 74 -35.87 -8.01 -11.86
C THR D 74 -34.44 -8.34 -11.41
N LEU D 75 -34.30 -9.44 -10.67
CA LEU D 75 -33.06 -9.73 -9.96
C LEU D 75 -32.10 -10.62 -10.75
N LYS D 76 -30.91 -10.10 -10.99
CA LYS D 76 -29.89 -10.82 -11.76
C LYS D 76 -28.60 -10.91 -10.98
N VAL D 77 -28.02 -12.11 -10.96
CA VAL D 77 -26.73 -12.30 -10.31
C VAL D 77 -25.75 -11.28 -10.86
N GLY D 78 -24.93 -10.73 -9.97
CA GLY D 78 -23.94 -9.73 -10.36
C GLY D 78 -24.35 -8.29 -10.15
N GLN D 79 -25.65 -8.02 -10.04
CA GLN D 79 -26.13 -6.64 -9.90
C GLN D 79 -26.34 -6.17 -8.46
N TYR D 80 -26.41 -4.86 -8.30
CA TYR D 80 -26.60 -4.22 -7.01
C TYR D 80 -27.98 -3.62 -6.93
N TYR D 81 -28.65 -3.84 -5.80
CA TYR D 81 -29.95 -3.21 -5.58
C TYR D 81 -30.12 -2.71 -4.17
N TYR D 82 -31.12 -1.86 -4.00
CA TYR D 82 -31.70 -1.57 -2.70
C TYR D 82 -32.93 -2.46 -2.53
N PHE D 83 -33.07 -3.05 -1.35
CA PHE D 83 -34.30 -3.78 -1.03
C PHE D 83 -35.01 -3.07 0.10
N ILE D 84 -36.28 -2.74 -0.11
CA ILE D 84 -37.04 -2.06 0.93
C ILE D 84 -38.32 -2.82 1.26
N GLY D 85 -38.58 -2.99 2.55
CA GLY D 85 -39.84 -3.55 2.99
C GLY D 85 -39.77 -5.00 3.43
N GLY D 86 -38.57 -5.51 3.67
CA GLY D 86 -38.42 -6.89 4.07
C GLY D 86 -38.31 -6.98 5.58
N GLU D 87 -38.80 -8.07 6.16
CA GLU D 87 -38.71 -8.25 7.60
C GLU D 87 -37.44 -8.98 7.99
N VAL D 88 -36.74 -8.45 8.98
CA VAL D 88 -35.60 -9.14 9.54
C VAL D 88 -36.11 -10.28 10.43
N LYS D 89 -35.79 -11.51 10.03
CA LYS D 89 -36.28 -12.69 10.75
C LYS D 89 -35.13 -13.64 11.02
N GLN D 90 -35.28 -14.45 12.06
CA GLN D 90 -34.30 -15.48 12.40
C GLN D 90 -34.33 -16.61 11.37
N PHE D 91 -33.17 -16.92 10.78
CA PHE D 91 -33.13 -17.95 9.75
C PHE D 91 -32.26 -19.12 10.21
N LYS D 92 -32.74 -19.81 11.25
CA LYS D 92 -31.99 -20.88 11.89
C LYS D 92 -30.87 -20.33 12.77
N ASN D 93 -29.72 -20.04 12.18
CA ASN D 93 -28.61 -19.51 12.96
C ASN D 93 -28.39 -18.01 12.80
N ASN D 94 -28.54 -17.54 11.57
CA ASN D 94 -28.27 -16.15 11.28
C ASN D 94 -29.58 -15.42 10.98
N LEU D 95 -29.48 -14.13 10.68
CA LEU D 95 -30.64 -13.38 10.24
C LEU D 95 -30.95 -13.63 8.78
N GLU D 96 -32.13 -13.19 8.36
CA GLU D 96 -32.50 -13.20 6.96
C GLU D 96 -33.50 -12.08 6.73
N LEU D 97 -33.59 -11.64 5.48
CA LEU D 97 -34.60 -10.69 5.07
C LEU D 97 -35.70 -11.45 4.33
N LYS D 98 -36.95 -11.16 4.65
CA LYS D 98 -38.07 -11.95 4.20
C LYS D 98 -39.16 -11.05 3.58
N PHE D 99 -39.43 -11.24 2.30
CA PHE D 99 -40.34 -10.38 1.55
C PHE D 99 -41.68 -11.08 1.27
N LYS D 100 -42.71 -10.70 2.01
CA LYS D 100 -43.95 -11.46 2.01
C LYS D 100 -45.22 -10.66 1.81
N PHE D 101 -45.10 -9.36 1.54
CA PHE D 101 -46.28 -8.51 1.54
C PHE D 101 -46.65 -7.90 0.20
N GLY D 102 -45.86 -8.13 -0.82
CA GLY D 102 -46.27 -7.59 -2.11
C GLY D 102 -46.39 -6.06 -2.19
N ASP D 103 -45.98 -5.35 -1.14
CA ASP D 103 -45.76 -3.91 -1.30
C ASP D 103 -44.29 -3.52 -1.08
N TYR D 104 -43.39 -4.51 -1.13
CA TYR D 104 -41.96 -4.25 -1.03
C TYR D 104 -41.38 -3.71 -2.34
N GLN D 105 -40.22 -3.09 -2.25
CA GLN D 105 -39.62 -2.48 -3.42
C GLN D 105 -38.21 -3.03 -3.67
N ILE D 106 -37.94 -3.38 -4.93
CA ILE D 106 -36.58 -3.67 -5.38
C ILE D 106 -36.10 -2.54 -6.28
N ILE D 107 -35.16 -1.73 -5.77
CA ILE D 107 -34.64 -0.61 -6.55
C ILE D 107 -33.28 -0.98 -7.09
N PRO D 108 -33.16 -1.07 -8.42
CA PRO D 108 -31.85 -1.29 -9.08
C PRO D 108 -31.00 -0.04 -8.88
N LYS D 109 -29.78 -0.19 -8.41
CA LYS D 109 -28.96 0.98 -8.08
C LYS D 109 -28.50 1.73 -9.32
N GLU D 110 -28.08 1.00 -10.35
CA GLU D 110 -27.47 1.62 -11.51
C GLU D 110 -28.34 2.65 -12.23
N THR D 111 -29.64 2.39 -12.32
CA THR D 111 -30.54 3.28 -13.05
C THR D 111 -31.20 4.28 -12.12
N LEU D 112 -30.60 4.46 -10.94
CA LEU D 112 -31.19 5.30 -9.91
C LEU D 112 -31.25 6.78 -10.30
N GLY D 113 -30.12 7.34 -10.71
CA GLY D 113 -30.06 8.73 -11.13
C GLY D 113 -30.94 9.60 -12.02
N GLY D 114 -31.48 9.00 -13.08
CA GLY D 114 -32.32 9.72 -14.02
C GLY D 114 -33.19 8.58 -14.49
N SER D 115 -34.23 8.89 -15.26
CA SER D 115 -35.18 7.87 -15.68
C SER D 115 -35.40 7.82 -17.19
N GLY D 116 -35.06 6.67 -17.76
CA GLY D 116 -35.52 6.28 -19.08
C GLY D 116 -36.72 5.39 -18.85
N GLY D 117 -37.32 5.55 -17.67
CA GLY D 117 -38.55 4.87 -17.33
C GLY D 117 -39.81 5.61 -17.73
N SER D 118 -39.71 6.90 -18.02
CA SER D 118 -40.88 7.67 -18.43
C SER D 118 -41.22 7.44 -19.89
N THR D 119 -42.52 7.34 -20.16
CA THR D 119 -43.02 6.94 -21.47
C THR D 119 -43.11 8.09 -22.47
N LEU D 120 -42.88 7.76 -23.74
CA LEU D 120 -42.94 8.72 -24.84
C LEU D 120 -43.90 8.22 -25.93
N LEU D 121 -44.66 9.13 -26.53
CA LEU D 121 -45.44 8.79 -27.72
C LEU D 121 -44.43 8.47 -28.83
N ILE D 122 -44.81 7.60 -29.77
CA ILE D 122 -43.92 7.27 -30.88
C ILE D 122 -43.42 8.55 -31.53
N SER D 123 -44.32 9.52 -31.62
CA SER D 123 -44.05 10.84 -32.19
C SER D 123 -42.99 11.60 -31.43
N GLU D 124 -42.69 11.17 -30.21
CA GLU D 124 -41.61 11.76 -29.44
C GLU D 124 -40.33 10.98 -29.69
N VAL D 125 -40.44 9.66 -29.65
CA VAL D 125 -39.29 8.77 -29.76
C VAL D 125 -38.42 9.07 -30.98
N LEU D 126 -39.03 9.44 -32.09
CA LEU D 126 -38.26 9.80 -33.26
C LEU D 126 -37.58 11.15 -33.03
N LYS D 127 -38.17 11.96 -32.16
CA LYS D 127 -37.67 13.30 -31.91
C LYS D 127 -36.71 13.44 -30.73
N THR D 128 -36.95 12.72 -29.64
CA THR D 128 -36.02 12.78 -28.50
C THR D 128 -34.62 12.36 -28.94
N SER D 129 -33.65 12.49 -28.04
CA SER D 129 -32.27 12.21 -28.39
C SER D 129 -31.65 11.31 -27.35
N LYS D 130 -32.27 11.32 -26.17
CA LYS D 130 -31.85 10.50 -25.03
C LYS D 130 -31.55 9.05 -25.43
N GLN D 131 -30.77 8.38 -24.59
CA GLN D 131 -30.36 7.02 -24.91
C GLN D 131 -31.29 5.94 -24.34
N TYR D 132 -32.10 6.28 -23.35
CA TYR D 132 -32.95 5.29 -22.69
C TYR D 132 -34.36 5.84 -22.47
N LEU D 133 -35.37 5.07 -22.86
CA LEU D 133 -36.75 5.55 -22.76
C LEU D 133 -37.75 4.41 -22.66
N SER D 134 -39.03 4.74 -22.83
CA SER D 134 -40.10 3.74 -22.74
C SER D 134 -41.30 4.16 -23.58
N VAL D 135 -41.94 3.19 -24.23
CA VAL D 135 -43.08 3.48 -25.08
C VAL D 135 -44.27 2.58 -24.78
N LEU D 136 -45.46 3.16 -24.82
CA LEU D 136 -46.68 2.37 -24.84
C LEU D 136 -47.10 2.26 -26.29
N ALA D 137 -47.15 1.04 -26.82
CA ALA D 137 -47.44 0.83 -28.24
C ALA D 137 -48.06 -0.53 -28.51
N GLN D 138 -48.50 -0.72 -29.76
CA GLN D 138 -49.05 -2.00 -30.18
C GLN D 138 -48.20 -2.65 -31.27
N VAL D 139 -48.13 -3.97 -31.22
CA VAL D 139 -47.33 -4.72 -32.18
C VAL D 139 -48.05 -4.86 -33.52
N VAL D 140 -47.34 -4.57 -34.61
CA VAL D 140 -47.93 -4.71 -35.94
C VAL D 140 -47.23 -5.80 -36.74
N ASP D 141 -46.01 -6.16 -36.34
CA ASP D 141 -45.24 -7.20 -37.00
C ASP D 141 -44.32 -7.97 -36.05
N ILE D 142 -44.34 -9.30 -36.16
CA ILE D 142 -43.53 -10.15 -35.31
C ILE D 142 -42.62 -11.05 -36.14
N GLN D 143 -41.32 -10.80 -36.09
CA GLN D 143 -40.33 -11.72 -36.65
C GLN D 143 -39.60 -12.42 -35.51
N SER D 144 -39.95 -13.68 -35.26
CA SER D 144 -39.48 -14.38 -34.08
C SER D 144 -38.62 -15.60 -34.43
N SER D 145 -37.37 -15.59 -33.98
CA SER D 145 -36.52 -16.76 -34.12
C SER D 145 -36.07 -17.25 -32.75
N ASP D 146 -35.28 -18.31 -32.75
CA ASP D 146 -34.70 -18.82 -31.51
C ASP D 146 -33.48 -17.94 -31.29
N LYS D 147 -33.42 -17.28 -30.14
CA LYS D 147 -32.34 -16.33 -29.83
C LYS D 147 -32.63 -14.85 -30.09
N ASN D 148 -33.71 -14.53 -30.82
CA ASN D 148 -34.03 -13.13 -31.09
C ASN D 148 -35.43 -12.81 -31.64
N ILE D 149 -36.06 -11.77 -31.09
CA ILE D 149 -37.36 -11.30 -31.59
C ILE D 149 -37.26 -9.91 -32.20
N ARG D 150 -37.82 -9.75 -33.40
CA ARG D 150 -37.84 -8.47 -34.07
C ARG D 150 -39.29 -8.00 -34.23
N LEU D 151 -39.58 -6.77 -33.81
CA LEU D 151 -40.94 -6.24 -33.87
C LEU D 151 -41.03 -4.99 -34.72
N LYS D 152 -42.26 -4.61 -35.04
CA LYS D 152 -42.57 -3.28 -35.53
C LYS D 152 -43.74 -2.79 -34.69
N ILE D 153 -43.58 -1.61 -34.11
CA ILE D 153 -44.61 -1.05 -33.24
C ILE D 153 -45.10 0.29 -33.73
N CYS D 154 -46.36 0.59 -33.50
CA CYS D 154 -46.91 1.89 -33.88
C CYS D 154 -47.82 2.46 -32.80
N ASP D 155 -48.00 3.78 -32.82
CA ASP D 155 -48.85 4.48 -31.87
C ASP D 155 -50.05 5.10 -32.55
N ASN D 156 -51.12 5.32 -31.78
CA ASN D 156 -52.24 6.12 -32.23
C ASN D 156 -51.90 7.61 -32.20
N SER D 157 -50.61 7.90 -32.01
CA SER D 157 -50.10 9.27 -32.04
C SER D 157 -49.24 9.48 -33.28
N CYS D 158 -49.13 8.43 -34.10
CA CYS D 158 -48.34 8.50 -35.32
C CYS D 158 -48.96 7.75 -36.49
N ASN D 159 -48.55 8.14 -37.69
CA ASN D 159 -48.94 7.46 -38.91
C ASN D 159 -47.86 6.47 -39.32
N GLN D 160 -46.98 6.13 -38.38
CA GLN D 160 -45.83 5.29 -38.69
C GLN D 160 -45.39 4.31 -37.60
N GLU D 161 -44.60 3.34 -38.03
CA GLU D 161 -44.18 2.22 -37.20
C GLU D 161 -42.71 2.33 -36.83
N LEU D 162 -42.35 1.67 -35.73
CA LEU D 162 -41.04 1.78 -35.12
C LEU D 162 -40.45 0.39 -34.88
N LYS D 163 -39.21 0.18 -35.32
CA LYS D 163 -38.56 -1.13 -35.22
C LYS D 163 -37.96 -1.44 -33.82
N VAL D 164 -38.23 -2.63 -33.30
CA VAL D 164 -37.78 -3.00 -31.95
C VAL D 164 -37.04 -4.34 -32.00
N VAL D 165 -35.82 -4.40 -31.49
CA VAL D 165 -35.07 -5.66 -31.50
C VAL D 165 -34.89 -6.19 -30.08
N ILE D 166 -35.28 -7.45 -29.84
CA ILE D 166 -35.26 -8.01 -28.49
C ILE D 166 -34.33 -9.22 -28.37
N PHE D 167 -33.33 -9.09 -27.51
CA PHE D 167 -32.24 -10.07 -27.44
C PHE D 167 -32.36 -11.05 -26.28
N PRO D 168 -31.60 -12.16 -26.36
CA PRO D 168 -31.53 -13.28 -25.41
C PRO D 168 -31.72 -12.90 -23.96
N ASP D 169 -32.52 -13.73 -23.30
CA ASP D 169 -32.92 -13.58 -21.90
C ASP D 169 -34.29 -12.93 -21.79
N LEU D 170 -34.49 -11.84 -22.51
CA LEU D 170 -35.79 -11.20 -22.54
C LEU D 170 -36.71 -11.84 -23.59
N CYS D 171 -36.16 -12.17 -24.75
CA CYS D 171 -36.95 -12.77 -25.81
C CYS D 171 -37.56 -14.12 -25.39
N TYR D 172 -36.77 -14.97 -24.73
CA TYR D 172 -37.26 -16.27 -24.29
C TYR D 172 -38.59 -16.17 -23.60
N GLU D 173 -38.72 -15.25 -22.65
CA GLU D 173 -40.00 -15.13 -21.93
C GLU D 173 -41.07 -14.36 -22.72
N TRP D 174 -40.85 -14.27 -24.04
CA TRP D 174 -41.77 -13.57 -24.93
C TRP D 174 -41.81 -14.24 -26.30
N ARG D 175 -41.12 -15.37 -26.44
CA ARG D 175 -40.95 -16.03 -27.73
C ARG D 175 -42.20 -16.04 -28.61
N ASP D 176 -43.30 -16.53 -28.05
CA ASP D 176 -44.57 -16.58 -28.77
C ASP D 176 -45.68 -16.02 -27.88
N LYS D 177 -45.30 -15.08 -27.02
CA LYS D 177 -46.24 -14.47 -26.09
C LYS D 177 -46.74 -13.11 -26.61
N PHE D 178 -46.15 -12.63 -27.69
CA PHE D 178 -46.65 -11.40 -28.31
C PHE D 178 -47.90 -11.73 -29.11
N SER D 179 -48.71 -10.71 -29.39
CA SER D 179 -49.90 -10.88 -30.21
C SER D 179 -50.08 -9.68 -31.09
N ILE D 180 -50.26 -9.91 -32.38
CA ILE D 180 -50.40 -8.79 -33.31
C ILE D 180 -51.57 -7.90 -32.87
N ASN D 181 -51.45 -6.60 -33.12
CA ASN D 181 -52.52 -5.65 -32.85
C ASN D 181 -52.97 -5.57 -31.39
N LYS D 182 -52.08 -5.85 -30.44
CA LYS D 182 -52.39 -5.54 -29.04
C LYS D 182 -51.31 -4.67 -28.37
N TRP D 183 -51.54 -4.30 -27.12
CA TRP D 183 -50.78 -3.23 -26.49
C TRP D 183 -49.82 -3.66 -25.38
N TYR D 184 -48.60 -3.13 -25.45
CA TYR D 184 -47.55 -3.49 -24.51
C TYR D 184 -46.75 -2.26 -24.08
N TYR D 185 -46.35 -2.23 -22.81
CA TYR D 185 -45.36 -1.26 -22.33
C TYR D 185 -43.94 -1.78 -22.57
N PHE D 186 -43.15 -1.06 -23.36
CA PHE D 186 -41.76 -1.41 -23.58
C PHE D 186 -40.88 -0.52 -22.71
N ASN D 187 -40.46 -1.07 -21.56
CA ASN D 187 -39.88 -0.26 -20.50
C ASN D 187 -38.36 -0.24 -20.47
N GLU D 188 -37.79 0.96 -20.44
CA GLU D 188 -36.35 1.12 -20.28
C GLU D 188 -35.59 0.47 -21.43
N PHE D 189 -36.00 0.78 -22.65
CA PHE D 189 -35.28 0.30 -23.81
C PHE D 189 -34.18 1.26 -24.21
N VAL D 190 -33.34 0.82 -25.14
CA VAL D 190 -32.24 1.64 -25.63
C VAL D 190 -32.57 2.18 -27.01
N ARG D 191 -32.35 3.48 -27.23
CA ARG D 191 -32.53 4.09 -28.54
C ARG D 191 -31.29 3.83 -29.38
N GLN D 192 -31.44 3.82 -30.70
CA GLN D 192 -30.32 3.43 -31.56
C GLN D 192 -30.57 3.82 -33.01
N ILE D 193 -29.64 3.43 -33.88
CA ILE D 193 -29.71 3.76 -35.30
C ILE D 193 -28.97 2.71 -36.12
N TYR D 194 -29.57 2.28 -37.23
CA TYR D 194 -28.93 1.31 -38.11
C TYR D 194 -28.97 1.72 -39.58
N ASN D 195 -30.16 2.09 -40.06
CA ASN D 195 -30.29 2.62 -41.40
C ASN D 195 -30.25 4.13 -41.32
N ASP D 196 -29.90 4.63 -40.15
CA ASP D 196 -30.15 6.02 -39.78
C ASP D 196 -31.67 6.20 -39.64
N GLU D 197 -32.36 5.06 -39.65
CA GLU D 197 -33.70 4.97 -39.12
C GLU D 197 -33.56 4.47 -37.68
N VAL D 198 -34.47 4.91 -36.82
CA VAL D 198 -34.39 4.62 -35.41
C VAL D 198 -34.99 3.25 -35.05
N GLN D 199 -34.27 2.48 -34.24
CA GLN D 199 -34.75 1.20 -33.74
C GLN D 199 -34.36 0.98 -32.29
N LEU D 200 -35.35 0.75 -31.42
CA LEU D 200 -35.11 0.41 -30.03
C LEU D 200 -34.61 -1.02 -29.86
N LYS D 201 -33.74 -1.24 -28.87
CA LYS D 201 -33.42 -2.58 -28.44
C LYS D 201 -33.45 -2.66 -26.93
N ASN D 202 -33.38 -3.88 -26.39
CA ASN D 202 -33.33 -4.06 -24.94
C ASN D 202 -31.92 -4.24 -24.41
N ASN D 203 -31.75 -3.98 -23.11
CA ASN D 203 -30.53 -4.35 -22.39
C ASN D 203 -30.91 -4.91 -21.03
N ILE D 204 -29.91 -5.12 -20.18
CA ILE D 204 -30.09 -5.79 -18.90
C ILE D 204 -31.25 -5.19 -18.08
N HIS D 205 -31.55 -3.90 -18.25
CA HIS D 205 -32.59 -3.22 -17.45
C HIS D 205 -33.96 -3.18 -18.12
N SER D 206 -34.05 -3.61 -19.37
CA SER D 206 -35.30 -3.53 -20.08
C SER D 206 -36.36 -4.47 -19.52
N SER D 207 -37.63 -4.09 -19.67
CA SER D 207 -38.74 -4.96 -19.32
C SER D 207 -39.95 -4.67 -20.20
N ILE D 208 -40.85 -5.63 -20.29
CA ILE D 208 -42.03 -5.49 -21.13
C ILE D 208 -43.27 -5.87 -20.33
N LYS D 209 -44.33 -5.08 -20.48
CA LYS D 209 -45.57 -5.37 -19.75
C LYS D 209 -46.79 -5.21 -20.64
N GLU D 210 -47.64 -6.23 -20.63
CA GLU D 210 -48.86 -6.27 -21.43
C GLU D 210 -49.94 -5.40 -20.80
N SER D 211 -50.29 -4.30 -21.47
CA SER D 211 -51.27 -3.34 -20.94
C SER D 211 -52.57 -4.02 -20.47
#